data_8XYP
#
_entry.id   8XYP
#
_cell.length_a   1.00
_cell.length_b   1.00
_cell.length_c   1.00
_cell.angle_alpha   90.00
_cell.angle_beta   90.00
_cell.angle_gamma   90.00
#
_symmetry.space_group_name_H-M   'P 1'
#
loop_
_entity.id
_entity.type
_entity.pdbx_description
1 polymer 'MT-a70 family protein'
2 polymer 'Methyltransferase MT, putative'
3 polymer 'Myb-like DNA-binding domain protein'
4 polymer 'Transmembrane protein, putative'
5 non-polymer S-ADENOSYL-L-HOMOCYSTEINE
#
loop_
_entity_poly.entity_id
_entity_poly.type
_entity_poly.pdbx_seq_one_letter_code
_entity_poly.pdbx_strand_id
1 'polypeptide(L)'
;GPEFKLMSKAVNKKGLRPRKSDSILDHIKNKLDQEFLEDNENGEQSDEDYDQKSLNKAKKPYKKRQTQNGSELVISQQKT
KAKASANNKKSAKNSQKLDEEEKIVEEEDLSPQKNGAVSEDDQQQEASTQEDDYLDRLPKSKKGLQGLLQDIEKRILHYK
QLFFKEQNEIANGKRSMVPDNSIPICSDVTKLNFQALIDAQMRHAGKMFDVIMMDPPWQLSSSQPSRGVAIAYDSLSDEK
IQNMPIQSLQQDGFIFVWAINAKYRVTIKMIENWGYKLVDEITWVKKTVNGKIAKGHGFYLQHAKESCLIGVKGDVDNGR
FKKNIASDVIFSERRGQSQKPEEIYQYINQLCPNGNYLEIFARRNNLHDNWVSIGNEL
;
A
2 'polypeptide(L)'
;GPGRPMSQETLAACQSLDKFAHPKKVSPVQKSQIIEEPPLQKKIKPTEPGEDQLSLLLKWRSSYIPPQKPTNEDEYKKII
CKDISSEKLEQHAGDVSALFINIKWKLSEGQSGKSIEDLKKLAISDKLINNGIIFIWSEKEILSQIVDVLEAKGFNYIEN
FMINQLSADKALEMQRKNQNQQSKEKKITDFFKRLTPQKNIWSDITPEQCIEQEKFPPNNYVQDIFVNSEYSFFRKSKKI
LLMLRKFNKDAQLELRHQRTSDIFFDIFEQNKPNDVSKKGMEFVYKMIETLLPKANYSEENKGAFKMMELYADDKSQPRK
GWISVYEQEWSHPQFEKGGGSGGGSGGGSWSHPQFEK
;
B
3 'polypeptide(L)'
;GPGRPSLKKGKFQHNQSKSLWNYTLSPGWREEEVKILKSALQLFGIGKWKKIMESGCLPGKSIGQIYMQTQRLLGQQSLG
DFMGLQIDLEAVFNQNMKKQDVLRKNNCIINTGDNPTKEERKRRIEQNRKIYGLSAKQIAEIKLPKVKKHAPQYMTLEDI
ENEKFTNLEILTHLYNLKAEIVRRLAEQGETIAQPSIIKSLNNLNHNLEQNQNSNSSTETKVTLEQSGKKKYKVLAIEET
ELQNGPIATNSQKKSINGKRKNNRKINSDSEGNEEDISLEDIDSQESEINSEEIVEDDEEDEQIEEPSKIKKRKKNPEQE
SEEDDIEEDQEEDELVVNEEEIFEDDDDDEDNQDSSEDDDDDED
;
C
4 'polypeptide(L)'
;GPEFMKKNGKSQNQPLDFTQYAKNMRKDLSNQDICLEDGALNHSYFLTKKGQYWTPLNQKALQRGIELFGVGNWKEINYD
EFSGKANIVELELRTCMILGINDITEYYGKKISEEEQEEIKKSNIAKGKKENKLKDNIYQKLQQMQ
;
D
#
loop_
_chem_comp.id
_chem_comp.type
_chem_comp.name
_chem_comp.formula
SAH non-polymer S-ADENOSYL-L-HOMOCYSTEINE 'C14 H20 N6 O5 S'
#
# COMPACT_ATOMS: atom_id res chain seq x y z
N LYS A 142 28.78 -14.84 -43.63
CA LYS A 142 28.11 -14.93 -42.35
C LYS A 142 26.64 -15.33 -42.52
N LYS A 143 26.39 -16.63 -42.69
CA LYS A 143 25.03 -17.10 -42.91
C LYS A 143 24.20 -17.04 -41.63
N GLY A 144 24.82 -17.25 -40.47
CA GLY A 144 24.09 -17.19 -39.22
C GLY A 144 23.56 -15.81 -38.91
N LEU A 145 24.36 -14.78 -39.17
CA LEU A 145 23.90 -13.41 -38.95
C LEU A 145 22.81 -13.03 -39.94
N GLN A 146 22.90 -13.54 -41.17
CA GLN A 146 21.83 -13.34 -42.15
C GLN A 146 20.53 -13.99 -41.69
N GLY A 147 20.63 -15.21 -41.15
CA GLY A 147 19.44 -15.86 -40.60
C GLY A 147 18.86 -15.13 -39.42
N LEU A 148 19.72 -14.58 -38.55
CA LEU A 148 19.24 -13.78 -37.43
C LEU A 148 18.58 -12.50 -37.92
N LEU A 149 19.12 -11.90 -38.99
CA LEU A 149 18.51 -10.72 -39.60
C LEU A 149 17.13 -11.04 -40.15
N GLN A 150 16.99 -12.19 -40.81
CA GLN A 150 15.68 -12.62 -41.28
C GLN A 150 14.71 -12.83 -40.11
N ASP A 151 15.21 -13.43 -39.02
CA ASP A 151 14.37 -13.68 -37.85
C ASP A 151 13.86 -12.37 -37.26
N ILE A 152 14.75 -11.39 -37.06
CA ILE A 152 14.30 -10.13 -36.49
C ILE A 152 13.47 -9.33 -37.48
N GLU A 153 13.64 -9.53 -38.79
CA GLU A 153 12.73 -8.91 -39.75
C GLU A 153 11.32 -9.47 -39.62
N LYS A 154 11.20 -10.79 -39.44
CA LYS A 154 9.88 -11.38 -39.21
C LYS A 154 9.28 -10.89 -37.89
N ARG A 155 10.10 -10.76 -36.84
CA ARG A 155 9.60 -10.21 -35.59
C ARG A 155 9.19 -8.75 -35.73
N ILE A 156 9.93 -7.99 -36.53
CA ILE A 156 9.58 -6.60 -36.81
C ILE A 156 8.22 -6.52 -37.49
N LEU A 157 7.99 -7.39 -38.48
CA LEU A 157 6.69 -7.40 -39.17
C LEU A 157 5.56 -7.81 -38.24
N HIS A 158 5.76 -8.84 -37.41
CA HIS A 158 4.71 -9.27 -36.48
C HIS A 158 4.39 -8.18 -35.47
N TYR A 159 5.42 -7.55 -34.89
CA TYR A 159 5.17 -6.53 -33.87
C TYR A 159 4.68 -5.24 -34.50
N LYS A 160 5.04 -4.99 -35.76
CA LYS A 160 4.46 -3.87 -36.50
C LYS A 160 2.96 -4.06 -36.68
N GLN A 161 2.54 -5.28 -37.03
CA GLN A 161 1.11 -5.56 -37.13
C GLN A 161 0.42 -5.45 -35.77
N LEU A 162 1.08 -5.91 -34.71
CA LEU A 162 0.52 -5.78 -33.37
C LEU A 162 0.36 -4.31 -32.97
N PHE A 163 1.37 -3.49 -33.27
CA PHE A 163 1.31 -2.06 -32.97
C PHE A 163 0.21 -1.38 -33.78
N PHE A 164 0.08 -1.73 -35.06
CA PHE A 164 -0.97 -1.14 -35.88
C PHE A 164 -2.35 -1.53 -35.38
N LYS A 165 -2.51 -2.79 -34.96
CA LYS A 165 -3.78 -3.22 -34.37
C LYS A 165 -4.08 -2.46 -33.08
N GLU A 166 -3.05 -2.27 -32.24
CA GLU A 166 -3.24 -1.56 -30.98
C GLU A 166 -3.63 -0.10 -31.20
N GLN A 167 -2.95 0.58 -32.12
CA GLN A 167 -3.28 1.98 -32.40
C GLN A 167 -4.58 2.14 -33.16
N ASN A 168 -4.98 1.15 -33.96
CA ASN A 168 -6.27 1.23 -34.63
C ASN A 168 -7.42 0.98 -33.64
N GLU A 169 -7.23 0.05 -32.70
CA GLU A 169 -8.22 -0.14 -31.65
C GLU A 169 -8.32 1.08 -30.75
N ILE A 170 -7.18 1.67 -30.39
CA ILE A 170 -7.17 2.83 -29.49
C ILE A 170 -7.86 4.01 -30.14
N ALA A 171 -7.56 4.27 -31.42
CA ALA A 171 -8.12 5.42 -32.10
C ALA A 171 -9.61 5.25 -32.37
N ASN A 172 -10.09 4.01 -32.50
CA ASN A 172 -11.49 3.81 -32.86
C ASN A 172 -12.41 3.89 -31.64
N GLY A 173 -12.32 2.91 -30.73
CA GLY A 173 -13.23 2.89 -29.60
C GLY A 173 -12.73 2.30 -28.31
N LYS A 174 -11.44 1.96 -28.22
CA LYS A 174 -10.95 1.22 -27.07
C LYS A 174 -10.90 2.12 -25.83
N ARG A 175 -11.41 1.60 -24.73
CA ARG A 175 -11.44 2.32 -23.46
C ARG A 175 -10.41 1.72 -22.51
N SER A 176 -9.73 2.57 -21.76
CA SER A 176 -8.76 2.13 -20.79
C SER A 176 -9.46 1.59 -19.54
N MET A 177 -8.67 1.00 -18.65
CA MET A 177 -9.19 0.46 -17.40
C MET A 177 -9.61 1.57 -16.43
N VAL A 178 -9.25 2.81 -16.71
CA VAL A 178 -9.58 3.94 -15.83
C VAL A 178 -11.09 4.21 -15.90
N PRO A 179 -11.77 4.36 -14.78
CA PRO A 179 -13.21 4.63 -14.81
C PRO A 179 -13.52 6.00 -15.37
N ASP A 180 -14.77 6.15 -15.83
CA ASP A 180 -15.18 7.37 -16.52
C ASP A 180 -15.26 8.56 -15.57
N ASN A 181 -15.70 8.33 -14.34
CA ASN A 181 -15.84 9.40 -13.35
C ASN A 181 -14.57 9.67 -12.58
N SER A 182 -13.46 9.05 -12.95
CA SER A 182 -12.19 9.33 -12.31
C SER A 182 -11.68 10.70 -12.72
N ILE A 183 -11.10 11.41 -11.76
CA ILE A 183 -10.51 12.73 -12.01
C ILE A 183 -9.01 12.64 -11.77
N PRO A 184 -8.21 12.37 -12.79
CA PRO A 184 -6.76 12.31 -12.60
C PRO A 184 -6.09 13.64 -12.80
N ILE A 185 -5.19 14.02 -11.89
CA ILE A 185 -4.36 15.20 -12.03
C ILE A 185 -2.91 14.75 -11.99
N CYS A 186 -2.15 15.08 -13.03
CA CYS A 186 -0.74 14.74 -13.10
C CYS A 186 0.06 16.00 -12.79
N SER A 187 0.45 16.14 -11.54
CA SER A 187 1.21 17.31 -11.12
C SER A 187 2.08 16.95 -9.92
N ASP A 188 3.11 17.76 -9.71
CA ASP A 188 3.93 17.66 -8.52
C ASP A 188 3.26 18.41 -7.39
N VAL A 189 3.11 17.75 -6.24
CA VAL A 189 2.39 18.35 -5.13
C VAL A 189 3.15 19.53 -4.52
N THR A 190 4.47 19.60 -4.70
CA THR A 190 5.20 20.79 -4.28
C THR A 190 5.02 21.93 -5.28
N LYS A 191 4.56 21.63 -6.49
CA LYS A 191 4.28 22.64 -7.50
C LYS A 191 2.80 22.76 -7.84
N LEU A 192 1.95 21.89 -7.31
CA LEU A 192 0.53 21.94 -7.62
C LEU A 192 -0.12 23.12 -6.93
N ASN A 193 -0.93 23.87 -7.67
CA ASN A 193 -1.71 24.95 -7.09
C ASN A 193 -2.93 24.35 -6.42
N PHE A 194 -2.85 24.14 -5.11
CA PHE A 194 -3.98 23.56 -4.38
C PHE A 194 -5.15 24.51 -4.29
N GLN A 195 -4.93 25.82 -4.50
CA GLN A 195 -6.04 26.77 -4.49
C GLN A 195 -6.98 26.53 -5.66
N ALA A 196 -6.45 26.15 -6.82
CA ALA A 196 -7.29 25.81 -7.96
C ALA A 196 -8.14 24.58 -7.67
N LEU A 197 -7.55 23.58 -7.03
CA LEU A 197 -8.30 22.39 -6.63
C LEU A 197 -9.39 22.75 -5.62
N ILE A 198 -9.06 23.64 -4.67
CA ILE A 198 -10.03 24.12 -3.69
C ILE A 198 -11.21 24.80 -4.38
N ASP A 199 -10.92 25.72 -5.30
CA ASP A 199 -11.97 26.47 -5.98
C ASP A 199 -12.82 25.56 -6.85
N ALA A 200 -12.19 24.65 -7.60
CA ALA A 200 -12.94 23.74 -8.45
C ALA A 200 -13.81 22.80 -7.64
N GLN A 201 -13.29 22.28 -6.53
CA GLN A 201 -14.07 21.41 -5.67
C GLN A 201 -15.23 22.16 -5.01
N MET A 202 -15.02 23.43 -4.66
CA MET A 202 -16.11 24.21 -4.08
C MET A 202 -17.21 24.48 -5.11
N ARG A 203 -16.84 24.88 -6.33
CA ARG A 203 -17.88 25.25 -7.29
C ARG A 203 -18.53 24.05 -7.94
N HIS A 204 -17.84 22.91 -8.03
CA HIS A 204 -18.39 21.76 -8.74
C HIS A 204 -19.02 20.71 -7.83
N ALA A 205 -18.72 20.74 -6.53
CA ALA A 205 -19.31 19.79 -5.59
C ALA A 205 -20.11 20.46 -4.48
N GLY A 206 -19.93 21.76 -4.24
CA GLY A 206 -20.64 22.44 -3.19
C GLY A 206 -20.07 22.23 -1.81
N LYS A 207 -18.98 21.50 -1.68
CA LYS A 207 -18.38 21.17 -0.40
C LYS A 207 -16.92 20.81 -0.63
N MET A 208 -16.28 20.31 0.41
CA MET A 208 -14.90 19.86 0.33
C MET A 208 -14.84 18.34 0.31
N PHE A 209 -13.62 17.82 0.32
CA PHE A 209 -13.41 16.38 0.23
C PHE A 209 -13.85 15.71 1.54
N ASP A 210 -14.33 14.49 1.40
CA ASP A 210 -14.77 13.71 2.55
C ASP A 210 -13.71 12.74 3.05
N VAL A 211 -12.86 12.26 2.14
CA VAL A 211 -11.75 11.37 2.47
C VAL A 211 -10.54 11.85 1.69
N ILE A 212 -9.40 11.97 2.37
CA ILE A 212 -8.12 12.27 1.73
C ILE A 212 -7.21 11.08 1.98
N MET A 213 -6.65 10.52 0.93
CA MET A 213 -5.73 9.39 1.06
C MET A 213 -4.40 9.73 0.41
N MET A 214 -3.31 9.36 1.07
CA MET A 214 -1.98 9.53 0.48
C MET A 214 -1.12 8.32 0.82
N ASP A 215 -0.32 7.90 -0.16
CA ASP A 215 0.76 6.94 0.02
C ASP A 215 2.05 7.72 -0.22
N PRO A 216 2.60 8.38 0.79
CA PRO A 216 3.68 9.34 0.57
C PRO A 216 4.96 8.67 0.14
N PRO A 217 5.67 9.26 -0.82
CA PRO A 217 6.99 8.74 -1.18
C PRO A 217 8.01 9.03 -0.10
N TRP A 218 8.02 8.19 0.93
CA TRP A 218 8.87 8.41 2.09
C TRP A 218 10.34 8.33 1.71
N GLN A 219 11.14 9.24 2.27
CA GLN A 219 12.57 9.25 2.03
C GLN A 219 13.24 8.13 2.82
N LEU A 220 14.11 7.38 2.15
CA LEU A 220 14.81 6.27 2.78
C LEU A 220 16.31 6.50 2.80
N TYR A 233 10.70 5.39 -8.00
CA TYR A 233 10.11 6.70 -8.24
C TYR A 233 10.77 7.77 -7.38
N ASP A 234 10.35 9.02 -7.58
CA ASP A 234 10.89 10.13 -6.80
C ASP A 234 10.39 10.07 -5.37
N SER A 235 11.20 10.57 -4.45
CA SER A 235 10.88 10.58 -3.03
C SER A 235 10.65 12.01 -2.56
N LEU A 236 10.05 12.12 -1.37
CA LEU A 236 9.69 13.41 -0.80
C LEU A 236 10.13 13.46 0.66
N SER A 237 10.58 14.62 1.10
CA SER A 237 10.97 14.81 2.49
C SER A 237 9.74 14.87 3.38
N ASP A 238 9.95 14.62 4.68
CA ASP A 238 8.86 14.71 5.65
C ASP A 238 8.32 16.13 5.74
N GLU A 239 9.21 17.12 5.71
CA GLU A 239 8.78 18.51 5.72
C GLU A 239 8.00 18.86 4.46
N LYS A 240 8.39 18.29 3.32
CA LYS A 240 7.69 18.57 2.07
C LYS A 240 6.29 17.97 2.07
N ILE A 241 6.12 16.80 2.68
CA ILE A 241 4.79 16.22 2.81
C ILE A 241 3.96 17.03 3.80
N GLN A 242 4.59 17.53 4.87
CA GLN A 242 3.90 18.43 5.80
C GLN A 242 3.45 19.72 5.13
N ASN A 243 4.23 20.24 4.19
CA ASN A 243 3.91 21.53 3.58
C ASN A 243 2.68 21.50 2.70
N MET A 244 2.16 20.32 2.38
CA MET A 244 0.97 20.23 1.55
C MET A 244 -0.24 20.78 2.32
N PRO A 245 -0.99 21.72 1.75
CA PRO A 245 -2.08 22.35 2.50
C PRO A 245 -3.30 21.46 2.69
N ILE A 246 -3.14 20.38 3.48
CA ILE A 246 -4.25 19.47 3.73
C ILE A 246 -5.34 20.12 4.56
N GLN A 247 -4.97 21.05 5.44
CA GLN A 247 -5.95 21.73 6.30
C GLN A 247 -6.98 22.50 5.48
N SER A 248 -6.56 23.07 4.35
CA SER A 248 -7.52 23.75 3.48
C SER A 248 -8.36 22.77 2.68
N LEU A 249 -7.84 21.57 2.43
CA LEU A 249 -8.53 20.63 1.55
C LEU A 249 -9.67 19.90 2.24
N GLN A 250 -9.78 19.99 3.56
CA GLN A 250 -10.82 19.30 4.29
C GLN A 250 -11.28 20.15 5.47
N GLN A 251 -12.57 20.13 5.71
CA GLN A 251 -13.16 20.70 6.91
C GLN A 251 -13.80 19.64 7.80
N ASP A 252 -14.51 18.68 7.21
CA ASP A 252 -15.05 17.53 7.93
C ASP A 252 -14.71 16.28 7.15
N GLY A 253 -14.13 15.30 7.82
CA GLY A 253 -13.85 14.04 7.16
C GLY A 253 -12.62 13.38 7.73
N PHE A 254 -12.03 12.53 6.90
CA PHE A 254 -10.96 11.63 7.31
C PHE A 254 -9.73 11.82 6.42
N ILE A 255 -8.59 11.41 6.95
CA ILE A 255 -7.35 11.32 6.19
C ILE A 255 -6.85 9.89 6.28
N PHE A 256 -6.22 9.41 5.21
CA PHE A 256 -5.70 8.05 5.13
C PHE A 256 -4.25 8.14 4.67
N VAL A 257 -3.31 8.08 5.60
CA VAL A 257 -1.89 8.16 5.27
C VAL A 257 -1.28 6.78 5.49
N TRP A 258 -0.83 6.16 4.40
CA TRP A 258 -0.10 4.90 4.52
C TRP A 258 1.29 5.17 5.06
N ALA A 259 1.64 4.48 6.13
CA ALA A 259 2.89 4.72 6.84
C ALA A 259 3.76 3.47 6.81
N ILE A 260 5.00 3.64 6.37
CA ILE A 260 6.00 2.58 6.52
C ILE A 260 6.48 2.62 7.97
N ASN A 261 7.18 1.57 8.39
CA ASN A 261 7.58 1.46 9.79
C ASN A 261 8.55 2.57 10.19
N ALA A 262 9.43 2.98 9.27
CA ALA A 262 10.35 4.07 9.56
C ALA A 262 9.65 5.42 9.64
N LYS A 263 8.46 5.54 9.05
CA LYS A 263 7.73 6.80 8.98
C LYS A 263 6.32 6.62 9.53
N TYR A 264 6.22 6.00 10.70
CA TYR A 264 4.96 5.75 11.38
C TYR A 264 4.66 6.81 12.43
N ARG A 265 5.60 7.07 13.32
CA ARG A 265 5.43 8.13 14.31
C ARG A 265 5.39 9.50 13.65
N VAL A 266 6.18 9.70 12.60
CA VAL A 266 6.13 10.99 11.91
C VAL A 266 4.83 11.10 11.12
N THR A 267 4.23 9.99 10.72
CA THR A 267 2.91 10.02 10.11
C THR A 267 1.86 10.44 11.14
N ILE A 268 1.95 9.91 12.36
CA ILE A 268 1.04 10.32 13.43
C ILE A 268 1.18 11.81 13.71
N LYS A 269 2.43 12.29 13.80
CA LYS A 269 2.68 13.71 13.97
C LYS A 269 2.18 14.53 12.80
N MET A 270 2.26 13.98 11.58
CA MET A 270 1.77 14.67 10.40
C MET A 270 0.26 14.88 10.47
N ILE A 271 -0.48 13.82 10.78
CA ILE A 271 -1.93 13.95 10.84
C ILE A 271 -2.36 14.80 12.03
N GLU A 272 -1.57 14.82 13.12
CA GLU A 272 -1.89 15.76 14.20
C GLU A 272 -1.64 17.20 13.77
N ASN A 273 -0.54 17.46 13.07
CA ASN A 273 -0.18 18.81 12.68
C ASN A 273 -1.08 19.34 11.57
N TRP A 274 -1.76 18.46 10.84
CA TRP A 274 -2.73 18.90 9.86
C TRP A 274 -4.10 19.21 10.45
N GLY A 275 -4.27 19.06 11.76
CA GLY A 275 -5.54 19.31 12.40
C GLY A 275 -6.39 18.08 12.63
N TYR A 276 -5.95 16.91 12.16
CA TYR A 276 -6.70 15.69 12.39
C TYR A 276 -6.37 15.11 13.77
N LYS A 277 -7.29 14.30 14.28
CA LYS A 277 -7.08 13.56 15.51
C LYS A 277 -7.07 12.08 15.17
N LEU A 278 -5.98 11.40 15.52
CA LEU A 278 -5.79 10.01 15.16
C LEU A 278 -6.81 9.13 15.88
N VAL A 279 -7.71 8.52 15.11
CA VAL A 279 -8.76 7.69 15.67
C VAL A 279 -8.72 6.26 15.18
N ASP A 280 -8.01 5.97 14.10
CA ASP A 280 -8.09 4.65 13.49
C ASP A 280 -6.81 4.41 12.70
N GLU A 281 -6.54 3.14 12.43
CA GLU A 281 -5.49 2.76 11.50
C GLU A 281 -5.96 1.51 10.75
N ILE A 282 -5.60 1.42 9.49
CA ILE A 282 -5.91 0.25 8.67
C ILE A 282 -4.59 -0.41 8.31
N THR A 283 -4.43 -1.66 8.71
CA THR A 283 -3.22 -2.41 8.46
C THR A 283 -3.45 -3.42 7.34
N TRP A 284 -2.61 -3.35 6.31
CA TRP A 284 -2.65 -4.30 5.21
C TRP A 284 -1.67 -5.42 5.52
N VAL A 285 -2.20 -6.61 5.76
CA VAL A 285 -1.38 -7.80 5.94
C VAL A 285 -1.12 -8.40 4.57
N LYS A 286 0.15 -8.51 4.21
CA LYS A 286 0.51 -9.07 2.91
C LYS A 286 0.25 -10.57 2.89
N LYS A 287 -0.34 -11.04 1.80
CA LYS A 287 -0.80 -12.42 1.69
C LYS A 287 -0.04 -13.13 0.57
N THR A 288 0.13 -14.44 0.73
CA THR A 288 0.68 -15.27 -0.33
C THR A 288 -0.46 -15.83 -1.19
N VAL A 289 -0.07 -16.55 -2.25
CA VAL A 289 -1.07 -17.14 -3.14
C VAL A 289 -1.82 -18.26 -2.42
N ASN A 290 -1.13 -19.02 -1.58
CA ASN A 290 -1.74 -20.13 -0.87
C ASN A 290 -2.45 -19.71 0.41
N GLY A 291 -2.48 -18.43 0.72
CA GLY A 291 -3.27 -17.92 1.83
C GLY A 291 -2.51 -17.64 3.12
N LYS A 292 -1.18 -17.72 3.11
CA LYS A 292 -0.40 -17.44 4.29
C LYS A 292 0.10 -16.00 4.27
N ILE A 293 0.84 -15.63 5.30
CA ILE A 293 1.36 -14.27 5.43
C ILE A 293 2.67 -14.16 4.65
N ALA A 294 2.75 -13.17 3.77
CA ALA A 294 3.94 -12.94 2.96
C ALA A 294 4.96 -12.19 3.80
N LYS A 295 5.84 -12.95 4.46
CA LYS A 295 6.80 -12.36 5.39
C LYS A 295 7.88 -11.60 4.64
N GLY A 296 8.38 -10.54 5.27
CA GLY A 296 9.41 -9.72 4.69
C GLY A 296 10.64 -9.60 5.57
N HIS A 297 11.02 -8.38 5.91
CA HIS A 297 12.26 -8.14 6.65
C HIS A 297 12.19 -6.78 7.33
N GLY A 298 12.83 -6.68 8.47
CA GLY A 298 12.94 -5.43 9.20
C GLY A 298 14.24 -5.42 9.98
N PHE A 299 14.25 -4.67 11.07
CA PHE A 299 15.38 -4.70 11.98
C PHE A 299 15.10 -5.46 13.27
N TYR A 300 13.85 -5.49 13.72
CA TYR A 300 13.46 -6.23 14.91
C TYR A 300 12.60 -7.43 14.56
N LEU A 301 11.58 -7.22 13.72
CA LEU A 301 10.69 -8.28 13.29
C LEU A 301 10.60 -8.26 11.77
N GLN A 302 10.19 -9.39 11.20
CA GLN A 302 9.95 -9.47 9.77
C GLN A 302 8.72 -8.64 9.42
N HIS A 303 8.86 -7.74 8.45
CA HIS A 303 7.81 -6.79 8.10
C HIS A 303 6.89 -7.41 7.06
N ALA A 304 5.67 -7.74 7.46
CA ALA A 304 4.65 -8.25 6.56
C ALA A 304 3.37 -7.41 6.63
N LYS A 305 3.51 -6.15 7.02
CA LYS A 305 2.37 -5.27 7.22
C LYS A 305 2.62 -3.92 6.56
N GLU A 306 1.53 -3.24 6.23
CA GLU A 306 1.54 -1.84 5.87
C GLU A 306 0.36 -1.19 6.58
N SER A 307 0.61 -0.11 7.30
CA SER A 307 -0.40 0.54 8.11
C SER A 307 -0.84 1.83 7.45
N CYS A 308 -2.16 2.05 7.40
CA CYS A 308 -2.75 3.31 6.94
C CYS A 308 -3.36 4.00 8.15
N LEU A 309 -2.67 5.02 8.65
CA LEU A 309 -3.14 5.74 9.83
C LEU A 309 -4.21 6.74 9.45
N ILE A 310 -5.29 6.79 10.24
CA ILE A 310 -6.48 7.56 9.91
C ILE A 310 -6.72 8.62 10.98
N GLY A 311 -6.81 9.87 10.55
CA GLY A 311 -7.14 10.99 11.43
C GLY A 311 -8.48 11.60 11.02
N VAL A 312 -9.25 12.01 12.02
CA VAL A 312 -10.60 12.52 11.81
C VAL A 312 -10.60 14.03 12.00
N LYS A 313 -11.57 14.69 11.37
CA LYS A 313 -11.63 16.15 11.38
C LYS A 313 -13.09 16.59 11.34
N GLY A 314 -13.34 17.74 11.97
CA GLY A 314 -14.58 18.47 11.88
C GLY A 314 -15.79 17.68 12.36
N ASP A 315 -16.94 18.04 11.80
CA ASP A 315 -18.21 17.39 12.14
C ASP A 315 -18.41 16.23 11.17
N VAL A 316 -18.00 15.03 11.60
CA VAL A 316 -18.16 13.85 10.77
C VAL A 316 -19.57 13.28 10.88
N ASP A 317 -20.16 13.36 12.08
CA ASP A 317 -21.52 12.87 12.30
C ASP A 317 -22.52 13.83 11.66
N ASN A 318 -22.69 13.67 10.34
CA ASN A 318 -23.65 14.49 9.61
C ASN A 318 -24.44 13.66 8.59
N GLY A 319 -24.39 12.34 8.68
CA GLY A 319 -25.09 11.47 7.75
C GLY A 319 -24.33 11.13 6.49
N ARG A 320 -23.16 11.75 6.28
CA ARG A 320 -22.34 11.42 5.13
C ARG A 320 -21.39 10.27 5.39
N PHE A 321 -21.02 10.06 6.65
CA PHE A 321 -20.07 9.02 7.03
C PHE A 321 -20.76 7.95 7.85
N LYS A 322 -20.38 6.70 7.63
CA LYS A 322 -20.97 5.57 8.31
C LYS A 322 -20.05 5.09 9.42
N LYS A 323 -20.66 4.47 10.44
CA LYS A 323 -19.95 3.97 11.60
C LYS A 323 -20.04 2.45 11.65
N ASN A 324 -19.05 1.83 12.27
CA ASN A 324 -18.98 0.38 12.48
C ASN A 324 -19.02 -0.36 11.14
N ILE A 325 -18.07 -0.02 10.27
CA ILE A 325 -18.05 -0.48 8.90
C ILE A 325 -16.70 -1.09 8.56
N ALA A 326 -16.72 -2.04 7.63
CA ALA A 326 -15.53 -2.63 6.99
C ALA A 326 -14.66 -3.26 8.08
N SER A 327 -13.35 -3.08 8.01
CA SER A 327 -12.43 -3.59 9.01
C SER A 327 -11.17 -2.71 9.00
N ASP A 328 -10.38 -2.84 10.06
CA ASP A 328 -9.09 -2.18 10.11
C ASP A 328 -7.96 -3.08 9.62
N VAL A 329 -8.28 -4.27 9.12
CA VAL A 329 -7.29 -5.22 8.62
C VAL A 329 -7.65 -5.57 7.19
N ILE A 330 -6.68 -5.43 6.30
CA ILE A 330 -6.77 -5.92 4.92
C ILE A 330 -5.80 -7.08 4.77
N PHE A 331 -6.31 -8.22 4.33
CA PHE A 331 -5.50 -9.42 4.09
C PHE A 331 -5.50 -9.66 2.58
N SER A 332 -4.55 -9.06 1.88
CA SER A 332 -4.50 -9.08 0.43
C SER A 332 -3.10 -9.40 -0.05
N GLU A 333 -3.02 -9.98 -1.24
CA GLU A 333 -1.74 -10.33 -1.83
C GLU A 333 -1.01 -9.09 -2.32
N ARG A 334 0.31 -9.20 -2.42
CA ARG A 334 1.11 -8.15 -3.03
C ARG A 334 0.93 -8.20 -4.53
N ARG A 335 0.26 -7.20 -5.09
CA ARG A 335 -0.01 -7.14 -6.52
C ARG A 335 0.76 -5.99 -7.18
N GLY A 336 1.99 -5.76 -6.74
CA GLY A 336 2.80 -4.71 -7.32
C GLY A 336 4.07 -4.50 -6.53
N GLN A 337 4.55 -3.26 -6.54
CA GLN A 337 5.70 -2.86 -5.74
C GLN A 337 5.28 -1.98 -4.56
N SER A 338 4.60 -0.86 -4.84
CA SER A 338 3.96 -0.05 -3.82
C SER A 338 2.44 -0.09 -3.95
N GLN A 339 1.92 -1.05 -4.70
CA GLN A 339 0.50 -1.09 -5.02
C GLN A 339 -0.30 -1.53 -3.81
N LYS A 340 -0.96 -0.58 -3.17
CA LYS A 340 -1.88 -0.90 -2.10
C LYS A 340 -3.14 -1.54 -2.67
N PRO A 341 -3.82 -2.39 -1.90
CA PRO A 341 -4.97 -3.12 -2.45
C PRO A 341 -6.14 -2.20 -2.75
N GLU A 342 -7.07 -2.73 -3.55
CA GLU A 342 -8.34 -2.05 -3.82
C GLU A 342 -9.30 -2.14 -2.65
N GLU A 343 -9.00 -2.99 -1.66
CA GLU A 343 -9.81 -3.09 -0.47
C GLU A 343 -9.81 -1.80 0.34
N ILE A 344 -8.75 -1.00 0.25
CA ILE A 344 -8.78 0.30 0.93
C ILE A 344 -9.81 1.22 0.29
N TYR A 345 -9.97 1.13 -1.04
CA TYR A 345 -10.99 1.93 -1.71
C TYR A 345 -12.38 1.42 -1.39
N GLN A 346 -12.54 0.09 -1.32
CA GLN A 346 -13.83 -0.46 -0.91
C GLN A 346 -14.18 -0.05 0.51
N TYR A 347 -13.19 -0.06 1.41
CA TYR A 347 -13.42 0.32 2.80
C TYR A 347 -13.74 1.80 2.92
N ILE A 348 -13.07 2.64 2.13
CA ILE A 348 -13.36 4.08 2.12
C ILE A 348 -14.77 4.33 1.61
N ASN A 349 -15.18 3.60 0.56
CA ASN A 349 -16.52 3.76 0.04
C ASN A 349 -17.58 3.26 1.02
N GLN A 350 -17.24 2.26 1.84
CA GLN A 350 -18.13 1.93 2.95
C GLN A 350 -18.16 3.03 4.01
N LEU A 351 -17.03 3.70 4.23
CA LEU A 351 -16.97 4.77 5.22
C LEU A 351 -17.78 5.99 4.77
N CYS A 352 -17.57 6.42 3.54
CA CYS A 352 -18.32 7.55 2.95
C CYS A 352 -18.86 7.12 1.60
N PRO A 353 -20.07 6.58 1.56
CA PRO A 353 -20.67 6.24 0.27
C PRO A 353 -21.04 7.49 -0.52
N ASN A 354 -20.70 7.46 -1.82
CA ASN A 354 -20.98 8.55 -2.75
C ASN A 354 -20.40 9.88 -2.28
N GLY A 355 -19.18 9.82 -1.74
CA GLY A 355 -18.52 11.00 -1.23
C GLY A 355 -17.50 11.57 -2.21
N ASN A 356 -16.93 12.69 -1.80
CA ASN A 356 -15.86 13.35 -2.56
C ASN A 356 -14.52 12.95 -1.94
N TYR A 357 -13.70 12.27 -2.72
CA TYR A 357 -12.43 11.77 -2.24
C TYR A 357 -11.27 12.40 -2.99
N LEU A 358 -10.16 12.56 -2.28
CA LEU A 358 -8.93 13.06 -2.84
C LEU A 358 -7.81 12.07 -2.57
N GLU A 359 -7.05 11.74 -3.60
CA GLU A 359 -5.89 10.88 -3.44
C GLU A 359 -4.65 11.62 -3.88
N ILE A 360 -3.65 11.68 -3.00
CA ILE A 360 -2.36 12.28 -3.31
C ILE A 360 -1.35 11.16 -3.46
N PHE A 361 -0.40 11.35 -4.38
CA PHE A 361 0.62 10.35 -4.73
C PHE A 361 -0.03 9.10 -5.30
N ALA A 362 -0.90 9.31 -6.29
CA ALA A 362 -1.59 8.23 -6.96
C ALA A 362 -0.83 7.79 -8.21
N ARG A 363 -1.07 6.56 -8.61
CA ARG A 363 -0.61 6.03 -9.88
C ARG A 363 -1.84 5.62 -10.68
N ARG A 364 -1.61 5.11 -11.90
CA ARG A 364 -2.73 4.83 -12.79
C ARG A 364 -3.61 3.69 -12.28
N ASN A 365 -3.09 2.83 -11.41
CA ASN A 365 -3.91 1.79 -10.78
C ASN A 365 -4.76 2.34 -9.63
N ASN A 366 -4.51 3.56 -9.19
CA ASN A 366 -5.27 4.19 -8.12
C ASN A 366 -6.51 4.93 -8.61
N LEU A 367 -6.67 5.09 -9.93
CA LEU A 367 -7.76 5.88 -10.47
C LEU A 367 -9.08 5.14 -10.29
N HIS A 368 -10.00 5.76 -9.56
CA HIS A 368 -11.28 5.14 -9.22
C HIS A 368 -12.40 6.15 -9.47
N ASP A 369 -13.63 5.63 -9.42
CA ASP A 369 -14.81 6.47 -9.58
C ASP A 369 -14.92 7.46 -8.42
N ASN A 370 -15.29 8.70 -8.75
CA ASN A 370 -15.51 9.79 -7.80
C ASN A 370 -14.26 10.15 -7.01
N TRP A 371 -13.08 9.79 -7.50
CA TRP A 371 -11.83 10.06 -6.82
C TRP A 371 -11.04 11.10 -7.60
N VAL A 372 -10.64 12.17 -6.92
CA VAL A 372 -9.68 13.12 -7.47
C VAL A 372 -8.30 12.61 -7.08
N SER A 373 -7.53 12.16 -8.06
CA SER A 373 -6.24 11.54 -7.81
C SER A 373 -5.12 12.43 -8.32
N ILE A 374 -4.11 12.64 -7.49
CA ILE A 374 -2.95 13.45 -7.84
C ILE A 374 -1.72 12.56 -7.77
N GLY A 375 -0.88 12.63 -8.81
CA GLY A 375 0.35 11.86 -8.83
C GLY A 375 1.33 12.41 -9.83
N ASN A 376 2.60 12.08 -9.61
CA ASN A 376 3.65 12.50 -10.53
C ASN A 376 3.57 11.73 -11.85
N GLU A 377 3.08 10.50 -11.82
CA GLU A 377 3.08 9.62 -12.98
C GLU A 377 1.66 9.27 -13.37
N LEU A 378 0.78 10.26 -13.41
CA LEU A 378 -0.62 10.01 -13.70
C LEU A 378 -0.99 10.40 -15.13
N GLY B 50 -6.21 -30.67 6.51
CA GLY B 50 -6.05 -29.46 7.29
C GLY B 50 -5.15 -28.43 6.62
N GLU B 51 -5.39 -28.18 5.34
CA GLU B 51 -4.61 -27.23 4.56
C GLU B 51 -5.41 -25.97 4.22
N ASP B 52 -6.51 -25.73 4.93
CA ASP B 52 -7.29 -24.53 4.72
C ASP B 52 -6.56 -23.31 5.29
N GLN B 53 -7.12 -22.13 5.03
CA GLN B 53 -6.47 -20.89 5.44
C GLN B 53 -6.42 -20.76 6.95
N LEU B 54 -7.52 -21.09 7.64
CA LEU B 54 -7.55 -20.98 9.09
C LEU B 54 -6.57 -21.98 9.73
N SER B 55 -6.51 -23.20 9.20
CA SER B 55 -5.57 -24.19 9.72
C SER B 55 -4.13 -23.80 9.44
N LEU B 56 -3.88 -23.16 8.30
CA LEU B 56 -2.52 -22.75 7.95
C LEU B 56 -2.05 -21.58 8.82
N LEU B 57 -2.92 -20.59 9.02
CA LEU B 57 -2.55 -19.41 9.79
C LEU B 57 -2.51 -19.67 11.29
N LEU B 58 -3.10 -20.78 11.76
CA LEU B 58 -3.07 -21.14 13.17
C LEU B 58 -2.17 -22.35 13.43
N LYS B 59 -1.24 -22.63 12.52
CA LYS B 59 -0.37 -23.79 12.71
C LYS B 59 0.80 -23.49 13.64
N TRP B 60 1.05 -22.21 13.93
CA TRP B 60 2.09 -21.85 14.89
C TRP B 60 1.72 -22.31 16.30
N ARG B 61 0.43 -22.52 16.57
CA ARG B 61 -0.03 -22.88 17.91
C ARG B 61 0.49 -24.25 18.35
N SER B 62 0.87 -25.12 17.40
CA SER B 62 1.41 -26.41 17.78
C SER B 62 2.84 -26.31 18.31
N SER B 63 3.51 -25.18 18.11
CA SER B 63 4.90 -25.02 18.49
C SER B 63 5.11 -23.93 19.54
N TYR B 64 4.04 -23.42 20.15
CA TYR B 64 4.14 -22.35 21.14
C TYR B 64 3.29 -22.66 22.36
N ILE B 65 3.43 -23.87 22.87
CA ILE B 65 2.74 -24.25 24.11
C ILE B 65 3.37 -23.52 25.29
N PRO B 66 2.59 -22.88 26.14
CA PRO B 66 3.16 -22.21 27.33
C PRO B 66 3.80 -23.22 28.26
N PRO B 67 4.94 -22.87 28.86
CA PRO B 67 5.59 -23.78 29.82
C PRO B 67 4.92 -23.71 31.18
N GLN B 68 5.23 -24.68 32.01
CA GLN B 68 4.76 -24.68 33.39
C GLN B 68 5.46 -23.57 34.17
N LYS B 69 4.74 -22.97 35.11
CA LYS B 69 5.33 -21.94 35.95
C LYS B 69 6.39 -22.56 36.86
N PRO B 70 7.54 -21.91 37.01
CA PRO B 70 8.63 -22.52 37.77
C PRO B 70 8.33 -22.58 39.26
N THR B 71 8.81 -23.64 39.89
CA THR B 71 8.80 -23.75 41.34
C THR B 71 10.08 -23.20 41.96
N ASN B 72 11.06 -22.84 41.15
CA ASN B 72 12.30 -22.25 41.64
C ASN B 72 12.11 -20.76 41.88
N GLU B 73 12.23 -20.34 43.14
CA GLU B 73 12.05 -18.94 43.47
C GLU B 73 13.16 -18.06 42.89
N ASP B 74 14.32 -18.64 42.59
CA ASP B 74 15.44 -17.87 42.06
C ASP B 74 15.34 -17.64 40.55
N GLU B 75 14.34 -18.20 39.88
CA GLU B 75 14.21 -18.09 38.44
C GLU B 75 13.29 -16.95 38.00
N TYR B 76 12.72 -16.21 38.95
CA TYR B 76 11.87 -15.07 38.64
C TYR B 76 11.85 -14.13 39.84
N LYS B 77 11.10 -13.04 39.69
CA LYS B 77 10.86 -12.10 40.79
C LYS B 77 9.41 -11.63 40.69
N LYS B 78 8.56 -12.11 41.60
CA LYS B 78 7.16 -11.75 41.64
C LYS B 78 6.97 -10.63 42.66
N ILE B 79 6.44 -9.50 42.21
CA ILE B 79 6.26 -8.31 43.04
C ILE B 79 4.79 -7.92 43.00
N ILE B 80 4.19 -7.74 44.18
CA ILE B 80 2.81 -7.32 44.31
C ILE B 80 2.79 -5.86 44.74
N CYS B 81 2.07 -5.03 43.99
CA CYS B 81 2.00 -3.60 44.25
C CYS B 81 0.56 -3.18 44.47
N LYS B 82 0.38 -2.03 45.12
CA LYS B 82 -0.94 -1.45 45.31
C LYS B 82 -1.35 -0.59 44.12
N ASP B 83 -0.40 0.19 43.59
CA ASP B 83 -0.65 1.04 42.43
C ASP B 83 0.66 1.10 41.66
N ILE B 84 0.71 0.44 40.50
CA ILE B 84 1.94 0.39 39.71
C ILE B 84 2.34 1.79 39.26
N SER B 85 1.37 2.58 38.81
CA SER B 85 1.64 3.93 38.33
C SER B 85 2.20 4.83 39.44
N SER B 86 1.86 4.54 40.69
CA SER B 86 2.38 5.29 41.83
C SER B 86 3.52 4.57 42.54
N GLU B 87 4.05 3.49 41.94
CA GLU B 87 5.07 2.68 42.59
C GLU B 87 6.43 2.94 41.94
N LYS B 88 7.43 3.18 42.77
CA LYS B 88 8.81 3.29 42.32
C LYS B 88 9.32 1.90 41.95
N LEU B 89 9.72 1.72 40.68
CA LEU B 89 10.12 0.41 40.18
C LEU B 89 11.63 0.23 40.12
N GLU B 90 12.40 1.32 40.21
CA GLU B 90 13.86 1.20 40.20
C GLU B 90 14.40 0.47 41.42
N GLN B 91 13.63 0.42 42.51
CA GLN B 91 14.02 -0.38 43.67
C GLN B 91 13.63 -1.84 43.52
N HIS B 92 12.84 -2.18 42.50
CA HIS B 92 12.42 -3.56 42.27
C HIS B 92 13.20 -4.24 41.15
N ALA B 93 13.80 -3.48 40.25
CA ALA B 93 14.54 -4.04 39.14
C ALA B 93 15.66 -3.08 38.79
N GLY B 94 16.27 -3.29 37.61
CA GLY B 94 17.32 -2.40 37.15
C GLY B 94 17.98 -2.91 35.89
N ASP B 95 18.18 -2.01 34.93
CA ASP B 95 18.81 -2.32 33.64
C ASP B 95 18.07 -3.45 32.92
N VAL B 96 16.75 -3.43 33.00
CA VAL B 96 15.95 -4.44 32.30
C VAL B 96 15.92 -4.07 30.82
N SER B 97 15.86 -5.10 29.97
CA SER B 97 15.86 -4.90 28.53
C SER B 97 14.49 -5.09 27.90
N ALA B 98 13.50 -5.53 28.67
CA ALA B 98 12.16 -5.76 28.14
C ALA B 98 11.16 -5.35 29.22
N LEU B 99 10.55 -4.18 29.05
CA LEU B 99 9.49 -3.71 29.93
C LEU B 99 8.17 -3.95 29.22
N PHE B 100 7.63 -5.14 29.38
CA PHE B 100 6.34 -5.49 28.79
C PHE B 100 5.26 -4.92 29.69
N ILE B 101 4.58 -3.87 29.23
CA ILE B 101 3.47 -3.29 29.97
C ILE B 101 2.20 -3.99 29.50
N ASN B 102 1.74 -4.95 30.29
CA ASN B 102 0.55 -5.73 29.96
C ASN B 102 -0.71 -5.00 30.42
N ILE B 103 -0.88 -3.80 29.91
CA ILE B 103 -1.90 -2.89 30.36
C ILE B 103 -3.22 -3.19 29.65
N LYS B 104 -4.32 -2.96 30.36
CA LYS B 104 -5.66 -2.97 29.78
C LYS B 104 -6.20 -1.55 29.82
N TRP B 105 -6.65 -1.06 28.68
CA TRP B 105 -7.11 0.32 28.57
C TRP B 105 -8.61 0.40 28.81
N LYS B 106 -9.05 1.53 29.35
CA LYS B 106 -10.47 1.72 29.66
C LYS B 106 -11.27 2.07 28.41
N LEU B 107 -10.84 3.11 27.69
CA LEU B 107 -11.47 3.61 26.47
C LEU B 107 -12.90 4.09 26.73
N SER B 108 -13.80 3.16 27.04
CA SER B 108 -15.16 3.49 27.43
C SER B 108 -15.27 3.54 28.95
N GLU B 109 -16.12 4.45 29.44
CA GLU B 109 -16.23 4.67 30.88
C GLU B 109 -16.89 3.49 31.60
N GLY B 110 -17.70 2.70 30.90
CA GLY B 110 -18.39 1.59 31.56
C GLY B 110 -17.45 0.49 32.00
N GLN B 111 -16.47 0.15 31.16
CA GLN B 111 -15.58 -0.97 31.44
C GLN B 111 -14.44 -0.52 32.35
N SER B 112 -13.61 -1.48 32.74
CA SER B 112 -12.47 -1.21 33.61
C SER B 112 -11.22 -0.99 32.76
N GLY B 113 -10.07 -0.90 33.40
CA GLY B 113 -8.80 -0.68 32.74
C GLY B 113 -8.12 0.58 33.21
N LYS B 114 -6.92 0.79 32.68
CA LYS B 114 -6.12 1.96 33.00
C LYS B 114 -6.35 3.05 31.96
N SER B 115 -5.65 4.18 32.15
CA SER B 115 -5.84 5.34 31.33
C SER B 115 -4.49 5.97 30.98
N ILE B 116 -4.55 6.94 30.06
CA ILE B 116 -3.35 7.67 29.66
C ILE B 116 -2.79 8.47 30.82
N GLU B 117 -3.65 8.94 31.72
CA GLU B 117 -3.16 9.58 32.93
C GLU B 117 -2.42 8.59 33.83
N ASP B 118 -2.88 7.35 33.88
CA ASP B 118 -2.17 6.31 34.62
C ASP B 118 -0.82 6.01 34.00
N LEU B 119 -0.75 6.00 32.67
CA LEU B 119 0.54 5.82 32.01
C LEU B 119 1.46 7.01 32.23
N LYS B 120 0.88 8.22 32.31
CA LYS B 120 1.67 9.42 32.58
C LYS B 120 2.25 9.40 33.98
N LYS B 121 1.46 8.97 34.98
CA LYS B 121 1.94 8.97 36.35
C LYS B 121 2.99 7.89 36.58
N LEU B 122 2.96 6.83 35.78
CA LEU B 122 3.92 5.73 35.94
C LEU B 122 5.33 6.20 35.64
N ALA B 123 6.26 5.88 36.54
CA ALA B 123 7.63 6.35 36.46
C ALA B 123 8.51 5.24 35.89
N ILE B 124 9.12 5.50 34.75
CA ILE B 124 10.05 4.57 34.10
C ILE B 124 11.38 5.31 34.03
N SER B 125 12.26 5.04 34.98
CA SER B 125 13.47 5.83 35.19
C SER B 125 14.64 5.22 34.42
N ASP B 126 15.79 5.90 34.48
CA ASP B 126 17.00 5.39 33.88
C ASP B 126 17.63 4.27 34.72
N LYS B 127 17.41 4.29 36.03
CA LYS B 127 17.80 3.17 36.88
C LYS B 127 16.87 1.97 36.74
N LEU B 128 15.69 2.17 36.14
CA LEU B 128 14.90 1.11 35.54
C LEU B 128 15.47 0.84 34.15
N ILE B 129 14.67 0.23 33.26
CA ILE B 129 15.03 0.01 31.87
C ILE B 129 15.62 1.27 31.23
N ASN B 130 16.85 1.15 30.75
CA ASN B 130 17.59 2.24 30.14
C ASN B 130 18.09 1.89 28.75
N ASN B 131 18.38 0.61 28.49
CA ASN B 131 18.69 0.11 27.15
C ASN B 131 17.79 -1.10 26.93
N GLY B 132 16.60 -0.86 26.41
CA GLY B 132 15.67 -1.96 26.23
C GLY B 132 14.43 -1.53 25.47
N ILE B 133 13.49 -2.47 25.38
CA ILE B 133 12.26 -2.28 24.63
C ILE B 133 11.12 -2.18 25.64
N ILE B 134 10.16 -1.29 25.38
CA ILE B 134 8.86 -1.33 26.05
C ILE B 134 7.88 -2.00 25.10
N PHE B 135 7.21 -3.04 25.60
CA PHE B 135 6.12 -3.69 24.89
C PHE B 135 4.83 -3.30 25.59
N ILE B 136 3.99 -2.54 24.92
CA ILE B 136 2.76 -2.04 25.53
C ILE B 136 1.61 -2.26 24.56
N TRP B 137 0.48 -2.73 25.09
CA TRP B 137 -0.71 -2.91 24.29
C TRP B 137 -1.26 -1.54 23.89
N SER B 138 -1.35 -1.31 22.59
CA SER B 138 -1.82 -0.04 22.07
C SER B 138 -3.27 -0.17 21.62
N GLU B 139 -3.95 0.97 21.58
CA GLU B 139 -5.31 1.06 21.05
C GLU B 139 -5.35 2.17 20.01
N LYS B 140 -6.31 2.05 19.10
CA LYS B 140 -6.41 3.02 18.00
C LYS B 140 -6.81 4.39 18.51
N GLU B 141 -7.67 4.45 19.54
CA GLU B 141 -8.12 5.72 20.07
C GLU B 141 -6.99 6.50 20.74
N ILE B 142 -6.07 5.80 21.40
CA ILE B 142 -5.08 6.44 22.23
C ILE B 142 -3.66 6.12 21.78
N LEU B 143 -3.48 5.72 20.51
CA LEU B 143 -2.14 5.44 20.00
C LEU B 143 -1.28 6.69 20.01
N SER B 144 -1.85 7.83 19.61
CA SER B 144 -1.12 9.09 19.61
C SER B 144 -0.73 9.51 21.02
N GLN B 145 -1.65 9.37 21.97
CA GLN B 145 -1.34 9.72 23.35
C GLN B 145 -0.30 8.77 23.95
N ILE B 146 -0.38 7.49 23.60
CA ILE B 146 0.60 6.50 24.09
C ILE B 146 1.99 6.84 23.57
N VAL B 147 2.12 7.11 22.27
CA VAL B 147 3.44 7.42 21.74
C VAL B 147 3.93 8.77 22.27
N ASP B 148 3.03 9.71 22.53
CA ASP B 148 3.44 10.99 23.10
C ASP B 148 3.99 10.82 24.51
N VAL B 149 3.26 10.10 25.37
CA VAL B 149 3.70 9.96 26.76
C VAL B 149 4.94 9.07 26.84
N LEU B 150 5.08 8.09 25.95
CA LEU B 150 6.26 7.24 26.01
C LEU B 150 7.49 7.90 25.41
N GLU B 151 7.34 8.73 24.37
CA GLU B 151 8.46 9.52 23.89
C GLU B 151 8.78 10.67 24.82
N ALA B 152 7.86 11.04 25.72
CA ALA B 152 8.21 11.91 26.82
C ALA B 152 9.18 11.22 27.77
N LYS B 153 8.98 9.92 28.00
CA LYS B 153 9.92 9.12 28.80
C LYS B 153 10.98 8.44 27.95
N GLY B 154 11.61 9.16 27.03
CA GLY B 154 12.74 8.65 26.27
C GLY B 154 12.55 7.42 25.39
N PHE B 155 11.33 6.89 25.30
CA PHE B 155 11.08 5.66 24.56
C PHE B 155 10.53 6.01 23.18
N ASN B 156 11.32 5.75 22.15
CA ASN B 156 10.94 6.05 20.77
C ASN B 156 10.37 4.82 20.10
N TYR B 157 9.30 5.01 19.33
CA TYR B 157 8.68 3.91 18.61
C TYR B 157 9.65 3.30 17.61
N ILE B 158 9.76 1.97 17.61
CA ILE B 158 10.61 1.30 16.64
C ILE B 158 9.90 0.18 15.88
N GLU B 159 8.82 -0.40 16.41
CA GLU B 159 8.27 -1.58 15.77
C GLU B 159 6.81 -1.73 16.17
N ASN B 160 6.03 -2.31 15.27
CA ASN B 160 4.63 -2.64 15.49
C ASN B 160 4.47 -4.14 15.44
N PHE B 161 3.92 -4.72 16.50
CA PHE B 161 3.69 -6.16 16.57
C PHE B 161 2.20 -6.36 16.84
N MET B 162 1.46 -6.84 15.85
CA MET B 162 0.03 -6.94 16.00
C MET B 162 -0.44 -8.38 15.91
N ILE B 163 -1.61 -8.61 16.50
CA ILE B 163 -2.29 -9.90 16.47
C ILE B 163 -3.55 -9.72 15.66
N ASN B 164 -3.63 -10.42 14.53
CA ASN B 164 -4.85 -10.41 13.72
C ASN B 164 -5.93 -11.20 14.44
N GLN B 165 -6.97 -10.51 14.88
CA GLN B 165 -8.00 -11.14 15.69
C GLN B 165 -8.93 -11.96 14.79
N LEU B 166 -8.92 -13.28 14.99
CA LEU B 166 -9.83 -14.20 14.33
C LEU B 166 -10.83 -14.69 15.36
N SER B 167 -12.09 -14.79 14.97
CA SER B 167 -13.16 -15.12 15.90
C SER B 167 -13.51 -16.60 15.78
N ALA B 168 -13.48 -17.31 16.91
CA ALA B 168 -13.94 -18.69 16.93
C ALA B 168 -15.45 -18.77 16.80
N ASP B 169 -16.17 -17.80 17.39
CA ASP B 169 -17.62 -17.79 17.26
C ASP B 169 -18.06 -17.47 15.85
N LYS B 170 -17.34 -16.56 15.17
CA LYS B 170 -17.66 -16.29 13.77
C LYS B 170 -17.29 -17.46 12.87
N ALA B 171 -16.18 -18.14 13.16
CA ALA B 171 -15.83 -19.35 12.42
C ALA B 171 -16.87 -20.44 12.64
N LEU B 172 -17.32 -20.61 13.88
CA LEU B 172 -18.35 -21.59 14.19
C LEU B 172 -19.67 -21.25 13.51
N GLU B 173 -20.03 -19.96 13.48
CA GLU B 173 -21.27 -19.56 12.82
C GLU B 173 -21.17 -19.70 11.30
N MET B 174 -19.98 -19.50 10.73
CA MET B 174 -19.80 -19.73 9.30
C MET B 174 -19.90 -21.22 8.98
N GLN B 175 -19.33 -22.06 9.85
CA GLN B 175 -19.44 -23.51 9.66
C GLN B 175 -20.89 -23.97 9.78
N ARG B 176 -21.63 -23.40 10.73
CA ARG B 176 -23.04 -23.75 10.89
C ARG B 176 -23.88 -23.29 9.70
N LYS B 177 -23.58 -22.10 9.16
CA LYS B 177 -24.31 -21.62 7.99
C LYS B 177 -23.96 -22.41 6.74
N ASN B 178 -22.70 -22.81 6.58
CA ASN B 178 -22.32 -23.64 5.44
C ASN B 178 -22.88 -25.04 5.54
N GLN B 179 -22.99 -25.59 6.75
CA GLN B 179 -23.57 -26.92 6.93
C GLN B 179 -25.02 -26.82 7.38
N ILE B 201 -20.21 -32.50 14.31
CA ILE B 201 -19.14 -32.45 15.31
C ILE B 201 -19.03 -31.04 15.88
N TRP B 202 -19.56 -30.06 15.16
CA TRP B 202 -19.49 -28.67 15.56
C TRP B 202 -20.86 -28.09 15.92
N SER B 203 -21.85 -28.95 16.14
CA SER B 203 -23.19 -28.48 16.46
C SER B 203 -23.23 -27.83 17.85
N ASP B 204 -22.53 -28.43 18.82
CA ASP B 204 -22.55 -27.95 20.20
C ASP B 204 -21.10 -27.90 20.71
N ILE B 205 -20.45 -26.76 20.51
CA ILE B 205 -19.10 -26.55 21.05
C ILE B 205 -18.93 -25.06 21.33
N THR B 206 -18.44 -24.74 22.53
CA THR B 206 -18.22 -23.36 22.92
C THR B 206 -16.99 -22.80 22.20
N PRO B 207 -17.01 -21.51 21.82
CA PRO B 207 -15.79 -20.91 21.27
C PRO B 207 -14.60 -20.96 22.20
N GLU B 208 -14.81 -20.87 23.51
CA GLU B 208 -13.70 -21.05 24.44
C GLU B 208 -13.14 -22.47 24.34
N GLN B 209 -14.02 -23.45 24.18
CA GLN B 209 -13.58 -24.82 23.91
C GLN B 209 -12.83 -24.93 22.60
N CYS B 210 -13.22 -24.14 21.60
CA CYS B 210 -12.47 -24.11 20.34
C CYS B 210 -11.06 -23.56 20.55
N ILE B 211 -10.93 -22.53 21.38
CA ILE B 211 -9.60 -22.03 21.74
C ILE B 211 -8.79 -23.11 22.45
N GLU B 212 -9.40 -23.80 23.41
CA GLU B 212 -8.64 -24.69 24.27
C GLU B 212 -8.40 -26.07 23.68
N GLN B 213 -9.29 -26.58 22.84
CA GLN B 213 -9.11 -27.89 22.23
C GLN B 213 -8.39 -27.84 20.90
N GLU B 214 -8.05 -26.64 20.42
CA GLU B 214 -7.39 -26.41 19.13
C GLU B 214 -8.19 -26.97 17.95
N LYS B 215 -9.51 -27.09 18.11
CA LYS B 215 -10.38 -27.62 17.07
C LYS B 215 -11.05 -26.44 16.39
N PHE B 216 -10.74 -26.22 15.12
CA PHE B 216 -11.26 -25.06 14.43
C PHE B 216 -11.93 -25.46 13.12
N PRO B 217 -12.96 -24.73 12.70
CA PRO B 217 -13.60 -25.05 11.42
C PRO B 217 -12.68 -24.76 10.26
N PRO B 218 -12.80 -25.50 9.16
CA PRO B 218 -11.89 -25.31 8.01
C PRO B 218 -12.25 -24.10 7.15
N ASN B 219 -12.07 -22.91 7.72
CA ASN B 219 -12.34 -21.70 6.96
C ASN B 219 -11.22 -21.44 5.96
N ASN B 220 -11.61 -21.15 4.72
CA ASN B 220 -10.68 -20.83 3.65
C ASN B 220 -10.62 -19.34 3.33
N TYR B 221 -11.50 -18.54 3.92
CA TYR B 221 -11.48 -17.09 3.77
C TYR B 221 -11.60 -16.51 5.17
N VAL B 222 -10.47 -16.22 5.81
CA VAL B 222 -10.47 -15.80 7.20
C VAL B 222 -10.93 -14.37 7.39
N GLN B 223 -10.95 -13.56 6.33
CA GLN B 223 -11.36 -12.17 6.45
C GLN B 223 -12.84 -12.02 6.81
N ASP B 224 -13.63 -13.07 6.65
CA ASP B 224 -15.01 -13.09 7.09
C ASP B 224 -15.16 -13.43 8.57
N ILE B 225 -14.12 -13.94 9.22
CA ILE B 225 -14.19 -14.30 10.63
C ILE B 225 -13.25 -13.44 11.47
N PHE B 226 -12.86 -12.28 10.96
CA PHE B 226 -12.15 -11.31 11.77
C PHE B 226 -13.04 -10.85 12.92
N VAL B 227 -12.45 -10.62 14.09
CA VAL B 227 -13.23 -10.14 15.22
C VAL B 227 -13.48 -8.66 14.95
N ASN B 228 -14.56 -8.35 14.24
CA ASN B 228 -14.83 -6.96 13.85
C ASN B 228 -15.64 -6.31 14.98
N SER B 229 -14.91 -5.93 16.03
CA SER B 229 -15.54 -5.41 17.23
C SER B 229 -16.13 -4.03 16.99
N GLU B 230 -17.01 -3.62 17.89
CA GLU B 230 -17.73 -2.37 17.75
C GLU B 230 -16.77 -1.19 17.85
N TYR B 231 -16.94 -0.23 16.94
CA TYR B 231 -16.15 0.99 16.92
C TYR B 231 -16.97 2.07 16.21
N SER B 232 -16.63 3.32 16.47
CA SER B 232 -17.28 4.45 15.81
C SER B 232 -16.78 4.66 14.39
N PHE B 233 -15.88 3.78 13.92
CA PHE B 233 -15.12 3.91 12.69
C PHE B 233 -14.90 2.50 12.16
N PHE B 234 -13.86 2.29 11.37
CA PHE B 234 -13.48 0.96 10.92
C PHE B 234 -13.39 -0.01 12.10
N ARG B 235 -14.00 -1.18 11.93
CA ARG B 235 -14.20 -2.10 13.04
C ARG B 235 -12.88 -2.68 13.51
N LYS B 236 -12.74 -2.83 14.82
CA LYS B 236 -11.48 -3.16 15.48
C LYS B 236 -11.20 -4.66 15.36
N SER B 237 -10.39 -5.05 14.38
CA SER B 237 -10.05 -6.45 14.17
C SER B 237 -8.56 -6.71 14.28
N LYS B 238 -7.86 -5.97 15.14
CA LYS B 238 -6.45 -6.23 15.40
C LYS B 238 -6.11 -5.77 16.81
N LYS B 239 -5.09 -6.41 17.39
CA LYS B 239 -4.57 -6.05 18.71
C LYS B 239 -3.10 -5.68 18.54
N ILE B 240 -2.79 -4.41 18.77
CA ILE B 240 -1.46 -3.88 18.50
C ILE B 240 -0.64 -3.90 19.78
N LEU B 241 0.52 -4.54 19.73
CA LEU B 241 1.49 -4.49 20.82
C LEU B 241 2.62 -3.55 20.38
N LEU B 242 2.57 -2.33 20.89
CA LEU B 242 3.51 -1.30 20.49
C LEU B 242 4.88 -1.58 21.10
N MET B 243 5.92 -1.48 20.28
CA MET B 243 7.29 -1.69 20.73
C MET B 243 8.05 -0.38 20.64
N LEU B 244 8.64 0.04 21.77
CA LEU B 244 9.34 1.32 21.85
C LEU B 244 10.67 1.12 22.56
N ARG B 245 11.73 1.64 21.96
CA ARG B 245 13.10 1.45 22.46
C ARG B 245 13.64 2.73 23.05
N LYS B 246 14.26 2.61 24.23
CA LYS B 246 15.06 3.68 24.81
C LYS B 246 16.51 3.39 24.44
N PHE B 247 17.03 4.14 23.47
CA PHE B 247 18.39 3.91 22.98
C PHE B 247 19.41 4.36 24.03
N ASN B 248 20.49 3.61 24.15
CA ASN B 248 21.62 3.95 25.00
C ASN B 248 22.84 4.16 24.12
N LYS B 249 23.46 5.32 24.22
CA LYS B 249 24.68 5.59 23.47
C LYS B 249 25.94 5.09 24.15
N ASP B 250 25.83 4.61 25.39
CA ASP B 250 26.97 4.03 26.09
C ASP B 250 26.98 2.51 26.07
N ALA B 251 25.83 1.88 25.84
CA ALA B 251 25.75 0.42 25.83
C ALA B 251 25.20 -0.08 24.50
N GLN B 252 25.00 -1.39 24.40
CA GLN B 252 24.45 -2.00 23.21
C GLN B 252 23.41 -3.04 23.60
N LEU B 253 22.25 -2.98 22.96
CA LEU B 253 21.21 -3.99 23.15
C LEU B 253 21.47 -5.14 22.19
N GLU B 254 21.84 -6.29 22.74
CA GLU B 254 22.17 -7.44 21.92
C GLU B 254 20.87 -8.05 21.39
N LEU B 255 20.69 -8.01 20.07
CA LEU B 255 19.42 -8.30 19.42
C LEU B 255 19.56 -9.47 18.47
N ARG B 256 18.44 -10.13 18.20
CA ARG B 256 18.29 -11.04 17.08
C ARG B 256 17.29 -10.44 16.12
N HIS B 257 17.70 -10.24 14.88
CA HIS B 257 16.93 -9.48 13.90
C HIS B 257 16.15 -10.42 12.98
N GLN B 258 14.89 -10.06 12.72
CA GLN B 258 14.01 -10.75 11.79
C GLN B 258 13.80 -12.22 12.16
N ARG B 259 13.76 -12.51 13.46
CA ARG B 259 13.57 -13.88 13.91
C ARG B 259 12.10 -14.26 14.00
N THR B 260 11.19 -13.31 13.86
CA THR B 260 9.76 -13.56 13.92
C THR B 260 9.04 -12.44 13.21
N SER B 261 7.87 -12.75 12.66
CA SER B 261 7.11 -11.76 11.91
C SER B 261 6.40 -10.80 12.85
N ASP B 262 6.09 -9.61 12.33
CA ASP B 262 5.38 -8.61 13.10
C ASP B 262 3.87 -8.86 13.14
N ILE B 263 3.38 -9.81 12.37
CA ILE B 263 1.96 -10.15 12.33
C ILE B 263 1.83 -11.66 12.46
N PHE B 264 0.96 -12.11 13.36
CA PHE B 264 0.54 -13.50 13.39
C PHE B 264 -0.95 -13.57 13.67
N PHE B 265 -1.61 -14.53 13.05
CA PHE B 265 -3.03 -14.73 13.25
C PHE B 265 -3.26 -15.58 14.49
N ASP B 266 -4.08 -15.09 15.41
CA ASP B 266 -4.45 -15.85 16.60
C ASP B 266 -5.95 -15.78 16.77
N ILE B 267 -6.50 -16.84 17.33
CA ILE B 267 -7.94 -16.95 17.53
C ILE B 267 -8.35 -16.18 18.78
N PHE B 268 -9.54 -15.58 18.73
CA PHE B 268 -10.06 -14.78 19.82
C PHE B 268 -11.52 -15.14 20.05
N GLU B 269 -12.10 -14.53 21.09
CA GLU B 269 -13.53 -14.63 21.35
C GLU B 269 -14.20 -13.32 20.94
N GLN B 270 -15.47 -13.42 20.56
CA GLN B 270 -16.22 -12.23 20.15
C GLN B 270 -16.44 -11.29 21.33
N ASN B 271 -16.77 -11.84 22.50
CA ASN B 271 -17.01 -11.03 23.68
C ASN B 271 -15.74 -10.59 24.38
N LYS B 272 -14.59 -11.18 24.03
CA LYS B 272 -13.30 -10.82 24.63
C LYS B 272 -12.29 -10.56 23.52
N PRO B 273 -12.42 -9.43 22.81
CA PRO B 273 -11.43 -9.10 21.77
C PRO B 273 -10.09 -8.67 22.33
N ASN B 274 -10.00 -8.34 23.62
CA ASN B 274 -8.75 -7.91 24.23
C ASN B 274 -8.08 -9.01 25.06
N ASP B 275 -8.60 -10.22 25.03
CA ASP B 275 -8.04 -11.34 25.79
C ASP B 275 -7.25 -12.21 24.83
N VAL B 276 -5.92 -12.03 24.81
CA VAL B 276 -5.05 -12.89 24.02
C VAL B 276 -4.99 -14.26 24.65
N SER B 277 -5.03 -15.29 23.80
CA SER B 277 -5.05 -16.67 24.27
C SER B 277 -3.73 -17.04 24.95
N LYS B 278 -3.70 -18.23 25.53
CA LYS B 278 -2.48 -18.72 26.17
C LYS B 278 -1.35 -18.87 25.15
N LYS B 279 -1.66 -19.46 24.00
CA LYS B 279 -0.64 -19.66 22.98
C LYS B 279 -0.24 -18.36 22.32
N GLY B 280 -1.18 -17.42 22.15
CA GLY B 280 -0.82 -16.13 21.61
C GLY B 280 0.05 -15.32 22.56
N MET B 281 -0.24 -15.42 23.86
CA MET B 281 0.61 -14.79 24.86
C MET B 281 1.99 -15.42 24.89
N GLU B 282 2.05 -16.74 24.73
CA GLU B 282 3.33 -17.42 24.63
C GLU B 282 4.09 -16.99 23.37
N PHE B 283 3.38 -16.79 22.27
CA PHE B 283 4.01 -16.27 21.06
C PHE B 283 4.59 -14.89 21.29
N VAL B 284 3.86 -14.03 22.00
CA VAL B 284 4.37 -12.70 22.35
C VAL B 284 5.62 -12.81 23.22
N TYR B 285 5.57 -13.69 24.22
CA TYR B 285 6.70 -13.86 25.14
C TYR B 285 7.93 -14.40 24.41
N LYS B 286 7.73 -15.35 23.50
CA LYS B 286 8.85 -15.90 22.74
C LYS B 286 9.36 -14.90 21.71
N MET B 287 8.50 -14.01 21.21
CA MET B 287 8.97 -12.90 20.40
C MET B 287 9.91 -12.00 21.20
N ILE B 288 9.51 -11.69 22.44
CA ILE B 288 10.34 -10.85 23.30
C ILE B 288 11.65 -11.54 23.63
N GLU B 289 11.58 -12.82 24.00
CA GLU B 289 12.75 -13.58 24.44
C GLU B 289 13.65 -14.00 23.29
N THR B 290 13.15 -13.99 22.05
CA THR B 290 13.96 -14.26 20.88
C THR B 290 14.60 -12.98 20.35
N LEU B 291 13.88 -11.86 20.44
CA LEU B 291 14.47 -10.58 20.05
C LEU B 291 15.63 -10.20 20.97
N LEU B 292 15.50 -10.48 22.27
CA LEU B 292 16.51 -10.16 23.27
C LEU B 292 16.93 -11.46 23.96
N PRO B 293 17.95 -12.16 23.45
CA PRO B 293 18.35 -13.42 24.11
C PRO B 293 19.15 -13.19 25.38
N LYS B 294 19.97 -12.14 25.44
CA LYS B 294 20.73 -11.86 26.65
C LYS B 294 19.85 -11.45 27.82
N ALA B 295 18.60 -11.07 27.56
CA ALA B 295 17.63 -10.82 28.60
C ALA B 295 16.96 -12.09 29.12
N ASN B 296 17.19 -13.22 28.47
CA ASN B 296 16.59 -14.48 28.89
C ASN B 296 17.17 -14.94 30.22
N TYR B 297 16.57 -15.99 30.77
CA TYR B 297 17.01 -16.55 32.04
C TYR B 297 18.34 -17.27 31.83
N SER B 298 19.44 -16.58 32.13
CA SER B 298 20.76 -17.18 32.20
C SER B 298 21.20 -17.21 33.66
N GLU B 299 22.28 -17.96 33.92
CA GLU B 299 22.82 -18.01 35.27
C GLU B 299 23.42 -16.67 35.69
N GLU B 300 23.85 -15.85 34.74
CA GLU B 300 24.29 -14.50 35.07
C GLU B 300 23.11 -13.58 35.39
N ASN B 301 21.92 -13.90 34.90
CA ASN B 301 20.72 -13.13 35.22
C ASN B 301 19.94 -13.83 36.33
N LYS B 302 20.51 -13.79 37.53
CA LYS B 302 19.86 -14.32 38.73
C LYS B 302 19.89 -13.22 39.79
N GLY B 303 18.72 -12.68 40.11
CA GLY B 303 18.63 -11.49 40.92
C GLY B 303 18.81 -10.20 40.16
N ALA B 304 19.13 -10.29 38.87
CA ALA B 304 19.31 -9.13 38.00
C ALA B 304 18.60 -9.38 36.68
N PHE B 305 17.34 -9.81 36.75
CA PHE B 305 16.57 -10.16 35.57
C PHE B 305 16.38 -8.95 34.67
N LYS B 306 16.51 -9.17 33.36
CA LYS B 306 16.45 -8.11 32.38
C LYS B 306 15.09 -8.02 31.70
N MET B 307 14.09 -8.76 32.18
CA MET B 307 12.75 -8.74 31.61
C MET B 307 11.75 -8.47 32.73
N MET B 308 10.88 -7.49 32.52
CA MET B 308 9.93 -7.04 33.52
C MET B 308 8.55 -6.92 32.91
N GLU B 309 7.53 -7.31 33.67
CA GLU B 309 6.14 -7.08 33.27
C GLU B 309 5.43 -6.21 34.28
N LEU B 310 4.74 -5.19 33.79
CA LEU B 310 3.82 -4.41 34.58
C LEU B 310 2.39 -4.88 34.30
N TYR B 311 1.52 -4.73 35.31
CA TYR B 311 0.14 -5.19 35.26
C TYR B 311 0.08 -6.69 34.96
N ALA B 312 0.82 -7.45 35.76
CA ALA B 312 0.95 -8.89 35.56
C ALA B 312 -0.33 -9.62 35.97
N ASP B 313 -0.51 -10.79 35.38
CA ASP B 313 -1.61 -11.69 35.73
C ASP B 313 -1.04 -13.06 36.02
N ASP B 314 -1.77 -13.82 36.84
CA ASP B 314 -1.36 -15.17 37.23
C ASP B 314 -1.58 -16.20 36.14
N LYS B 315 -1.90 -15.77 34.92
CA LYS B 315 -2.12 -16.67 33.81
C LYS B 315 -0.83 -17.07 33.12
N SER B 316 0.09 -16.13 32.93
CA SER B 316 1.32 -16.42 32.21
C SER B 316 2.59 -15.83 32.81
N GLN B 317 2.50 -14.85 33.72
CA GLN B 317 3.68 -14.10 34.13
C GLN B 317 4.67 -14.79 35.07
N PRO B 318 4.30 -15.77 35.91
CA PRO B 318 5.36 -16.50 36.60
C PRO B 318 6.18 -17.29 35.59
N ARG B 319 7.13 -16.58 34.99
CA ARG B 319 7.91 -17.02 33.85
C ARG B 319 9.39 -16.90 34.19
N LYS B 320 10.19 -17.80 33.61
CA LYS B 320 11.63 -17.80 33.87
C LYS B 320 12.28 -16.54 33.33
N GLY B 321 13.10 -15.89 34.16
CA GLY B 321 13.82 -14.71 33.76
C GLY B 321 12.98 -13.46 33.65
N TRP B 322 11.81 -13.42 34.29
CA TRP B 322 10.88 -12.31 34.19
C TRP B 322 10.59 -11.76 35.57
N ILE B 323 10.53 -10.42 35.66
CA ILE B 323 10.08 -9.75 36.87
C ILE B 323 8.60 -9.42 36.69
N SER B 324 7.76 -10.01 37.53
CA SER B 324 6.32 -9.85 37.44
C SER B 324 5.86 -8.83 38.48
N VAL B 325 5.27 -7.73 38.00
CA VAL B 325 4.74 -6.69 38.87
C VAL B 325 3.22 -6.74 38.78
N TYR B 326 2.57 -7.15 39.87
CA TYR B 326 1.12 -7.22 39.95
C TYR B 326 0.57 -5.96 40.58
N GLU B 327 -0.75 -5.79 40.47
CA GLU B 327 -1.45 -4.65 41.03
C GLU B 327 -2.58 -5.13 41.92
N GLN B 328 -2.43 -4.92 43.23
CA GLN B 328 -3.48 -5.13 44.23
C GLN B 328 -3.97 -6.59 44.23
N GLU B 329 -3.05 -7.49 44.57
CA GLU B 329 -3.40 -8.91 44.71
C GLU B 329 -4.03 -9.18 46.07
N THR C 156 20.52 -10.06 -28.11
CA THR C 156 19.74 -11.23 -27.71
C THR C 156 18.24 -10.93 -27.83
N LEU C 157 17.48 -11.93 -28.26
CA LEU C 157 16.04 -11.75 -28.42
C LEU C 157 15.31 -11.85 -27.09
N GLU C 158 15.97 -12.40 -26.05
CA GLU C 158 15.34 -12.56 -24.76
C GLU C 158 15.10 -11.21 -24.08
N ASP C 159 16.09 -10.32 -24.14
CA ASP C 159 15.97 -9.03 -23.47
C ASP C 159 14.98 -8.11 -24.19
N ILE C 160 14.68 -8.40 -25.45
CA ILE C 160 13.80 -7.56 -26.25
C ILE C 160 12.43 -8.18 -26.48
N GLU C 161 12.23 -9.43 -26.08
CA GLU C 161 10.93 -10.09 -26.20
C GLU C 161 10.24 -10.24 -24.84
N ASN C 162 10.60 -9.43 -23.87
CA ASN C 162 9.96 -9.48 -22.56
C ASN C 162 8.51 -9.02 -22.66
N GLU C 163 7.63 -9.66 -21.90
CA GLU C 163 6.21 -9.35 -21.91
C GLU C 163 5.86 -8.12 -21.07
N LYS C 164 6.83 -7.58 -20.32
CA LYS C 164 6.64 -6.34 -19.59
C LYS C 164 7.02 -5.13 -20.44
N PHE C 165 7.34 -5.35 -21.72
CA PHE C 165 7.66 -4.29 -22.66
C PHE C 165 6.50 -4.11 -23.62
N THR C 166 6.11 -2.85 -23.84
CA THR C 166 5.05 -2.56 -24.80
C THR C 166 5.56 -2.79 -26.23
N ASN C 167 4.61 -2.82 -27.18
CA ASN C 167 4.96 -3.08 -28.57
C ASN C 167 5.87 -2.00 -29.15
N LEU C 168 5.74 -0.76 -28.68
CA LEU C 168 6.57 0.32 -29.19
C LEU C 168 8.02 0.15 -28.77
N GLU C 169 8.27 -0.10 -27.48
CA GLU C 169 9.65 -0.29 -27.04
C GLU C 169 10.22 -1.61 -27.55
N ILE C 170 9.38 -2.63 -27.72
CA ILE C 170 9.82 -3.86 -28.35
C ILE C 170 10.28 -3.58 -29.77
N LEU C 171 9.53 -2.77 -30.52
CA LEU C 171 9.90 -2.46 -31.90
C LEU C 171 11.13 -1.57 -31.96
N THR C 172 11.31 -0.65 -31.01
CA THR C 172 12.54 0.13 -30.97
C THR C 172 13.74 -0.77 -30.70
N HIS C 173 13.59 -1.74 -29.80
CA HIS C 173 14.67 -2.69 -29.55
C HIS C 173 14.97 -3.53 -30.78
N LEU C 174 13.93 -3.97 -31.49
CA LEU C 174 14.11 -4.70 -32.74
C LEU C 174 14.87 -3.85 -33.77
N TYR C 175 14.50 -2.58 -33.90
CA TYR C 175 15.13 -1.74 -34.92
C TYR C 175 16.57 -1.39 -34.57
N ASN C 176 16.85 -1.18 -33.28
CA ASN C 176 18.24 -0.95 -32.87
C ASN C 176 19.09 -2.19 -33.09
N LEU C 177 18.56 -3.37 -32.74
CA LEU C 177 19.29 -4.61 -33.00
C LEU C 177 19.50 -4.82 -34.50
N LYS C 178 18.48 -4.49 -35.30
CA LYS C 178 18.61 -4.59 -36.75
C LYS C 178 19.69 -3.66 -37.29
N ALA C 179 19.76 -2.44 -36.78
CA ALA C 179 20.79 -1.50 -37.21
C ALA C 179 22.18 -2.01 -36.84
N GLU C 180 22.33 -2.54 -35.62
CA GLU C 180 23.64 -3.05 -35.19
C GLU C 180 24.07 -4.26 -36.01
N ILE C 181 23.15 -5.18 -36.28
CA ILE C 181 23.53 -6.36 -37.06
C ILE C 181 23.69 -6.04 -38.54
N VAL C 182 23.02 -5.00 -39.06
CA VAL C 182 23.29 -4.55 -40.42
C VAL C 182 24.68 -3.92 -40.50
N ARG C 183 25.07 -3.18 -39.46
CA ARG C 183 26.44 -2.66 -39.39
C ARG C 183 27.46 -3.79 -39.34
N ARG C 184 27.16 -4.84 -38.58
CA ARG C 184 28.05 -6.01 -38.54
C ARG C 184 28.10 -6.72 -39.89
N LEU C 185 26.97 -6.78 -40.60
CA LEU C 185 26.95 -7.37 -41.94
C LEU C 185 27.82 -6.56 -42.90
N ALA C 186 27.73 -5.22 -42.83
CA ALA C 186 28.58 -4.37 -43.64
C ALA C 186 30.05 -4.46 -43.22
N GLU C 187 30.32 -4.83 -41.98
CA GLU C 187 31.68 -5.02 -41.51
C GLU C 187 32.27 -6.32 -42.07
N PRO D 15 -28.53 15.58 -3.95
CA PRO D 15 -27.32 14.88 -4.38
C PRO D 15 -26.86 15.33 -5.76
N LEU D 16 -25.55 15.25 -6.01
CA LEU D 16 -24.99 15.66 -7.29
C LEU D 16 -24.66 14.43 -8.13
N ASP D 17 -24.78 14.60 -9.45
CA ASP D 17 -24.35 13.56 -10.37
C ASP D 17 -22.85 13.64 -10.55
N PHE D 18 -22.17 12.51 -10.41
CA PHE D 18 -20.72 12.49 -10.41
C PHE D 18 -20.12 12.50 -11.81
N THR D 19 -20.90 12.20 -12.84
CA THR D 19 -20.39 12.27 -14.20
C THR D 19 -20.09 13.70 -14.62
N GLN D 20 -21.06 14.60 -14.42
CA GLN D 20 -20.84 16.01 -14.76
C GLN D 20 -19.83 16.65 -13.82
N TYR D 21 -19.85 16.24 -12.55
CA TYR D 21 -18.87 16.74 -11.59
C TYR D 21 -17.45 16.36 -12.00
N ALA D 22 -17.26 15.09 -12.39
CA ALA D 22 -15.96 14.63 -12.85
C ALA D 22 -15.55 15.32 -14.14
N LYS D 23 -16.51 15.53 -15.05
CA LYS D 23 -16.22 16.25 -16.29
C LYS D 23 -15.74 17.66 -16.02
N ASN D 24 -16.40 18.37 -15.11
CA ASN D 24 -16.02 19.76 -14.80
C ASN D 24 -14.67 19.81 -14.08
N MET D 25 -14.46 18.90 -13.12
CA MET D 25 -13.20 18.88 -12.39
C MET D 25 -12.03 18.52 -13.31
N ARG D 26 -12.24 17.60 -14.26
CA ARG D 26 -11.23 17.33 -15.26
C ARG D 26 -11.04 18.50 -16.20
N LYS D 27 -12.12 19.22 -16.51
CA LYS D 27 -12.04 20.36 -17.42
C LYS D 27 -11.15 21.46 -16.85
N ASP D 28 -11.32 21.78 -15.57
CA ASP D 28 -10.53 22.87 -15.00
C ASP D 28 -9.28 22.42 -14.25
N LEU D 29 -9.09 21.12 -14.05
CA LEU D 29 -7.95 20.63 -13.28
C LEU D 29 -7.06 19.68 -14.06
N SER D 30 -7.63 18.69 -14.75
CA SER D 30 -6.83 17.69 -15.44
C SER D 30 -6.15 18.29 -16.67
N ASN D 31 -5.09 17.63 -17.11
CA ASN D 31 -4.34 18.09 -18.27
C ASN D 31 -5.14 17.87 -19.55
N GLN D 32 -4.70 18.53 -20.62
CA GLN D 32 -5.36 18.38 -21.92
C GLN D 32 -5.20 16.98 -22.49
N ASP D 33 -4.20 16.22 -22.04
CA ASP D 33 -4.06 14.84 -22.49
C ASP D 33 -4.91 13.90 -21.66
N ILE D 34 -5.17 14.23 -20.39
CA ILE D 34 -5.97 13.36 -19.53
C ILE D 34 -7.44 13.38 -19.94
N CYS D 35 -7.98 14.57 -20.21
CA CYS D 35 -9.39 14.72 -20.54
C CYS D 35 -9.56 15.33 -21.91
N LEU D 36 -10.75 15.13 -22.49
CA LEU D 36 -11.06 15.65 -23.81
C LEU D 36 -11.62 17.06 -23.69
N GLU D 37 -12.14 17.59 -24.79
CA GLU D 37 -12.62 18.98 -24.82
C GLU D 37 -13.95 19.15 -24.08
N ASP D 38 -14.70 18.08 -23.89
CA ASP D 38 -15.97 18.14 -23.18
C ASP D 38 -15.85 17.69 -21.74
N GLY D 39 -14.63 17.46 -21.25
CA GLY D 39 -14.40 16.93 -19.93
C GLY D 39 -14.39 15.43 -19.86
N ALA D 40 -14.72 14.74 -20.94
CA ALA D 40 -14.69 13.29 -20.95
C ALA D 40 -13.26 12.79 -20.87
N LEU D 41 -13.10 11.62 -20.24
CA LEU D 41 -11.76 11.06 -20.06
C LEU D 41 -11.18 10.62 -21.39
N ASN D 42 -9.93 11.01 -21.64
CA ASN D 42 -9.21 10.58 -22.83
C ASN D 42 -8.58 9.23 -22.53
N HIS D 43 -9.19 8.16 -23.04
CA HIS D 43 -8.73 6.82 -22.70
C HIS D 43 -7.45 6.45 -23.43
N SER D 44 -7.15 7.13 -24.53
CA SER D 44 -5.92 6.86 -25.25
C SER D 44 -4.70 7.22 -24.41
N TYR D 45 -4.84 8.22 -23.52
CA TYR D 45 -3.75 8.59 -22.63
C TYR D 45 -3.41 7.47 -21.65
N PHE D 46 -4.42 6.78 -21.14
CA PHE D 46 -4.22 5.73 -20.16
C PHE D 46 -4.11 4.36 -20.80
N LEU D 47 -4.23 4.27 -22.12
CA LEU D 47 -3.94 3.04 -22.84
C LEU D 47 -2.49 2.95 -23.29
N THR D 48 -1.68 3.97 -23.05
CA THR D 48 -0.27 3.95 -23.34
C THR D 48 0.50 4.24 -22.06
N LYS D 49 1.77 3.83 -22.04
CA LYS D 49 2.63 4.10 -20.90
C LYS D 49 2.91 5.59 -20.80
N LYS D 50 3.12 6.06 -19.57
CA LYS D 50 3.36 7.48 -19.34
C LYS D 50 4.70 7.90 -19.96
N GLY D 51 4.67 9.03 -20.65
CA GLY D 51 5.82 9.53 -21.36
C GLY D 51 5.77 9.32 -22.86
N GLN D 52 4.88 8.44 -23.34
CA GLN D 52 4.72 8.18 -24.78
C GLN D 52 3.24 8.01 -25.05
N TYR D 53 2.58 9.10 -25.42
CA TYR D 53 1.15 9.09 -25.72
C TYR D 53 0.83 9.37 -27.18
N TRP D 54 1.67 10.13 -27.88
CA TRP D 54 1.40 10.59 -29.25
C TRP D 54 0.12 11.44 -29.30
N THR D 55 0.26 12.63 -28.72
CA THR D 55 -0.80 13.63 -28.72
C THR D 55 -1.24 13.99 -30.14
N PRO D 56 -2.45 14.54 -30.30
CA PRO D 56 -2.82 15.12 -31.60
C PRO D 56 -1.87 16.22 -32.05
N LEU D 57 -1.25 16.95 -31.12
CA LEU D 57 -0.19 17.87 -31.48
C LEU D 57 1.01 17.12 -32.06
N ASN D 58 1.33 15.95 -31.51
CA ASN D 58 2.40 15.12 -32.07
C ASN D 58 2.05 14.66 -33.48
N GLN D 59 0.79 14.26 -33.70
CA GLN D 59 0.36 13.86 -35.03
C GLN D 59 0.44 15.02 -36.02
N LYS D 60 0.01 16.21 -35.60
CA LYS D 60 0.10 17.39 -36.45
C LYS D 60 1.55 17.75 -36.76
N ALA D 61 2.43 17.62 -35.76
CA ALA D 61 3.85 17.89 -35.99
C ALA D 61 4.46 16.89 -36.95
N LEU D 62 4.08 15.62 -36.85
CA LEU D 62 4.55 14.61 -37.80
C LEU D 62 4.07 14.91 -39.21
N GLN D 63 2.80 15.32 -39.35
CA GLN D 63 2.28 15.67 -40.67
C GLN D 63 2.99 16.89 -41.24
N ARG D 64 3.28 17.88 -40.39
CA ARG D 64 4.06 19.04 -40.83
C ARG D 64 5.47 18.63 -41.26
N GLY D 65 6.07 17.68 -40.54
CA GLY D 65 7.39 17.21 -40.92
C GLY D 65 7.40 16.48 -42.25
N ILE D 66 6.38 15.66 -42.50
CA ILE D 66 6.28 14.98 -43.79
C ILE D 66 5.96 15.97 -44.90
N GLU D 67 5.23 17.05 -44.59
CA GLU D 67 4.99 18.08 -45.59
C GLU D 67 6.26 18.86 -45.92
N LEU D 68 7.04 19.19 -44.90
CA LEU D 68 8.22 20.04 -45.06
C LEU D 68 9.46 19.25 -45.47
N PHE D 69 9.68 18.09 -44.84
CA PHE D 69 10.79 17.22 -45.15
C PHE D 69 10.27 15.90 -45.72
N GLY D 70 11.17 15.17 -46.38
CA GLY D 70 10.78 13.93 -47.01
C GLY D 70 10.47 12.83 -46.02
N VAL D 71 9.82 11.79 -46.52
CA VAL D 71 9.57 10.60 -45.74
C VAL D 71 10.86 9.80 -45.62
N GLY D 72 11.13 9.28 -44.42
CA GLY D 72 12.40 8.68 -44.13
C GLY D 72 13.44 9.64 -43.59
N ASN D 73 13.08 10.91 -43.43
CA ASN D 73 13.94 11.95 -42.88
C ASN D 73 13.63 12.19 -41.41
N TRP D 74 13.39 11.10 -40.67
CA TRP D 74 12.90 11.18 -39.30
C TRP D 74 13.84 11.96 -38.39
N LYS D 75 15.13 12.00 -38.68
CA LYS D 75 16.06 12.75 -37.84
C LYS D 75 15.78 14.26 -37.91
N GLU D 76 15.70 14.80 -39.13
CA GLU D 76 15.39 16.21 -39.27
C GLU D 76 13.92 16.52 -39.02
N ILE D 77 13.04 15.52 -39.08
CA ILE D 77 11.67 15.74 -38.61
C ILE D 77 11.65 15.87 -37.09
N ASN D 78 12.39 14.99 -36.40
CA ASN D 78 12.41 14.96 -34.94
C ASN D 78 13.09 16.19 -34.37
N TYR D 79 14.14 16.68 -35.02
CA TYR D 79 14.85 17.85 -34.51
C TYR D 79 14.34 19.16 -35.10
N ASP D 80 13.16 19.14 -35.72
CA ASP D 80 12.53 20.38 -36.18
C ASP D 80 11.05 20.47 -35.84
N GLU D 81 10.37 19.38 -35.47
CA GLU D 81 8.97 19.43 -35.08
C GLU D 81 8.68 18.73 -33.76
N PHE D 82 9.59 17.91 -33.25
CA PHE D 82 9.43 17.25 -31.96
C PHE D 82 10.50 17.66 -30.95
N SER D 83 11.48 18.47 -31.39
CA SER D 83 12.60 18.93 -30.56
C SER D 83 13.40 17.76 -29.98
N GLY D 84 13.49 16.66 -30.71
CA GLY D 84 14.32 15.54 -30.31
C GLY D 84 13.76 14.67 -29.21
N LYS D 85 12.50 14.85 -28.83
CA LYS D 85 11.88 14.05 -27.76
C LYS D 85 10.93 13.02 -28.34
N ALA D 86 11.25 12.46 -29.50
CA ALA D 86 10.40 11.48 -30.15
C ALA D 86 11.23 10.29 -30.59
N ASN D 87 10.61 9.11 -30.58
CA ASN D 87 11.23 7.91 -31.11
C ASN D 87 11.19 7.96 -32.63
N ILE D 88 12.34 7.75 -33.26
CA ILE D 88 12.41 7.61 -34.71
C ILE D 88 11.60 6.42 -35.20
N VAL D 89 11.64 5.32 -34.46
CA VAL D 89 10.82 4.15 -34.76
C VAL D 89 9.35 4.52 -34.70
N GLU D 90 8.94 5.24 -33.66
CA GLU D 90 7.54 5.64 -33.54
C GLU D 90 7.12 6.60 -34.66
N LEU D 91 8.00 7.52 -35.05
CA LEU D 91 7.71 8.40 -36.19
C LEU D 91 7.49 7.60 -37.47
N GLU D 92 8.35 6.61 -37.74
CA GLU D 92 8.17 5.72 -38.88
C GLU D 92 6.88 4.91 -38.80
N LEU D 93 6.54 4.41 -37.60
CA LEU D 93 5.32 3.63 -37.43
C LEU D 93 4.07 4.47 -37.66
N ARG D 94 4.06 5.70 -37.13
CA ARG D 94 2.93 6.60 -37.31
C ARG D 94 2.80 6.98 -38.79
N THR D 95 3.92 7.21 -39.47
CA THR D 95 3.91 7.49 -40.89
C THR D 95 3.38 6.30 -41.68
N CYS D 96 3.72 5.08 -41.24
CA CYS D 96 3.15 3.88 -41.84
C CYS D 96 1.63 3.84 -41.66
N MET D 97 1.16 4.21 -40.46
CA MET D 97 -0.28 4.19 -40.19
C MET D 97 -1.02 5.21 -41.05
N ILE D 98 -0.44 6.40 -41.22
CA ILE D 98 -1.12 7.45 -42.00
C ILE D 98 -0.91 7.30 -43.49
N LEU D 99 -0.10 6.34 -43.93
CA LEU D 99 0.08 6.07 -45.35
C LEU D 99 -0.50 4.73 -45.79
N GLY D 100 -0.74 3.81 -44.87
CA GLY D 100 -1.45 2.59 -45.17
C GLY D 100 -0.60 1.39 -45.55
N ILE D 101 0.72 1.54 -45.69
CA ILE D 101 1.60 0.42 -45.98
C ILE D 101 2.39 0.09 -44.72
N ASN D 102 2.52 -1.20 -44.43
CA ASN D 102 3.40 -1.64 -43.35
C ASN D 102 4.86 -1.29 -43.62
N ASP D 103 5.28 -1.31 -44.87
CA ASP D 103 6.67 -1.02 -45.26
C ASP D 103 6.67 0.17 -46.21
N ILE D 104 6.90 1.37 -45.68
CA ILE D 104 6.87 2.57 -46.53
C ILE D 104 8.20 2.70 -47.25
N THR D 105 8.31 2.07 -48.41
CA THR D 105 9.55 2.06 -49.19
C THR D 105 9.47 2.89 -50.46
N GLU D 106 8.31 2.90 -51.13
CA GLU D 106 8.17 3.70 -52.34
C GLU D 106 8.18 5.19 -52.03
N TYR D 107 7.59 5.58 -50.90
CA TYR D 107 7.43 6.98 -50.54
C TYR D 107 8.68 7.56 -49.87
N TYR D 108 9.79 6.82 -49.83
CA TYR D 108 11.00 7.26 -49.14
C TYR D 108 11.56 8.50 -49.81
N GLY D 109 11.43 9.64 -49.14
CA GLY D 109 11.93 10.90 -49.67
C GLY D 109 11.06 11.46 -50.78
N LYS D 110 9.80 11.75 -50.49
CA LYS D 110 8.86 12.21 -51.50
C LYS D 110 8.20 13.54 -51.16
N LYS D 111 8.27 14.00 -49.90
CA LYS D 111 7.75 15.30 -49.46
C LYS D 111 6.24 15.41 -49.75
N ILE D 112 5.48 14.55 -49.08
CA ILE D 112 4.04 14.43 -49.32
C ILE D 112 3.31 15.45 -48.45
N SER D 113 2.44 16.23 -49.08
CA SER D 113 1.66 17.25 -48.38
C SER D 113 0.44 16.60 -47.73
N GLU D 114 -0.42 17.41 -47.10
CA GLU D 114 -1.56 16.88 -46.36
C GLU D 114 -2.58 16.22 -47.29
N GLU D 115 -2.98 16.94 -48.34
CA GLU D 115 -4.00 16.45 -49.25
C GLU D 115 -3.51 15.21 -50.00
N GLU D 116 -2.25 15.22 -50.42
CA GLU D 116 -1.68 14.03 -51.05
C GLU D 116 -1.52 12.88 -50.06
N GLN D 117 -1.24 13.17 -48.79
CA GLN D 117 -1.19 12.12 -47.78
C GLN D 117 -2.54 11.43 -47.64
N GLU D 118 -3.61 12.22 -47.55
CA GLU D 118 -4.95 11.65 -47.48
C GLU D 118 -5.33 10.93 -48.77
N GLU D 119 -4.90 11.43 -49.93
CA GLU D 119 -5.19 10.75 -51.19
C GLU D 119 -4.49 9.39 -51.25
N ILE D 120 -3.22 9.34 -50.86
CA ILE D 120 -2.49 8.07 -50.81
C ILE D 120 -3.12 7.13 -49.80
N LYS D 121 -3.55 7.64 -48.65
CA LYS D 121 -4.19 6.79 -47.65
C LYS D 121 -5.50 6.20 -48.16
N LYS D 122 -6.31 7.02 -48.84
CA LYS D 122 -7.60 6.54 -49.33
C LYS D 122 -7.42 5.52 -50.46
N SER D 123 -6.56 5.83 -51.44
CA SER D 123 -6.30 4.90 -52.52
C SER D 123 -5.63 3.63 -52.01
N ASN D 124 -4.85 3.76 -50.93
CA ASN D 124 -4.16 2.62 -50.34
C ASN D 124 -5.13 1.69 -49.65
N ILE D 125 -6.08 2.26 -48.89
CA ILE D 125 -7.13 1.44 -48.26
C ILE D 125 -7.99 0.78 -49.33
N ALA D 126 -8.28 1.51 -50.40
CA ALA D 126 -9.05 0.93 -51.50
C ALA D 126 -8.32 -0.23 -52.17
N LYS D 127 -7.01 -0.08 -52.40
CA LYS D 127 -6.26 -1.16 -53.04
C LYS D 127 -6.03 -2.31 -52.08
N GLY D 128 -6.01 -2.03 -50.77
CA GLY D 128 -5.95 -3.11 -49.79
C GLY D 128 -7.24 -3.92 -49.76
N LYS D 129 -8.38 -3.25 -49.89
CA LYS D 129 -9.65 -3.96 -50.01
C LYS D 129 -9.71 -4.73 -51.32
N LYS D 130 -9.14 -4.17 -52.39
CA LYS D 130 -9.09 -4.86 -53.68
C LYS D 130 -8.25 -6.14 -53.59
N GLU D 131 -7.10 -6.07 -52.92
CA GLU D 131 -6.23 -7.22 -52.77
C GLU D 131 -6.68 -8.18 -51.67
N ASN D 132 -7.67 -7.77 -50.86
CA ASN D 132 -8.22 -8.57 -49.76
C ASN D 132 -7.11 -8.98 -48.78
N LYS D 133 -6.35 -7.98 -48.32
CA LYS D 133 -5.29 -8.22 -47.35
C LYS D 133 -5.24 -7.16 -46.27
N LEU D 134 -6.33 -6.41 -46.07
CA LEU D 134 -6.36 -5.37 -45.06
C LEU D 134 -6.49 -6.00 -43.67
N LYS D 135 -5.52 -5.71 -42.81
CA LYS D 135 -5.51 -6.24 -41.45
C LYS D 135 -6.05 -5.23 -40.44
N ASP D 136 -5.44 -4.06 -40.36
CA ASP D 136 -5.83 -3.00 -39.43
C ASP D 136 -5.86 -1.67 -40.15
N ASN D 137 -6.53 -1.64 -41.31
CA ASN D 137 -6.54 -0.52 -42.25
C ASN D 137 -5.14 -0.20 -42.76
N ILE D 138 -4.28 -1.22 -42.79
CA ILE D 138 -2.92 -1.13 -43.31
C ILE D 138 -2.76 -2.20 -44.39
N TYR D 139 -2.28 -1.79 -45.56
CA TYR D 139 -2.08 -2.72 -46.67
C TYR D 139 -0.90 -3.63 -46.33
N GLN D 140 -1.19 -4.90 -46.05
CA GLN D 140 -0.14 -5.85 -45.76
C GLN D 140 0.64 -6.21 -47.02
N LYS D 141 1.95 -6.39 -46.87
CA LYS D 141 2.79 -6.77 -47.99
C LYS D 141 2.56 -8.21 -48.41
N SAH E . -0.51 4.40 -3.73
CA SAH E . 0.15 3.92 -4.98
CB SAH E . 1.68 3.96 -4.85
CG SAH E . 2.24 5.36 -4.70
SD SAH E . 4.04 5.40 -4.62
C SAH E . -0.31 2.49 -5.28
O SAH E . -1.11 1.98 -4.49
OXT SAH E . 0.14 1.96 -6.31
C5' SAH E . 4.36 7.17 -4.52
C4' SAH E . 3.90 7.94 -5.73
O4' SAH E . 4.09 9.35 -5.49
C3' SAH E . 4.65 7.63 -7.03
O3' SAH E . 3.75 7.66 -8.12
C2' SAH E . 5.60 8.83 -7.15
O2' SAH E . 6.07 9.07 -8.45
C1' SAH E . 4.66 9.92 -6.64
N9 SAH E . 5.34 11.15 -6.27
C8 SAH E . 6.61 11.27 -5.77
N7 SAH E . 6.95 12.51 -5.52
C5 SAH E . 5.86 13.26 -5.88
C6 SAH E . 5.60 14.64 -5.87
N6 SAH E . 6.47 15.55 -5.45
N1 SAH E . 4.39 15.06 -6.30
C2 SAH E . 3.51 14.15 -6.73
N3 SAH E . 3.63 12.82 -6.80
C4 SAH E . 4.85 12.43 -6.35
#